data_6CP2
#
_entry.id   6CP2
#
_cell.length_a   101.528
_cell.length_b   101.528
_cell.length_c   352.326
_cell.angle_alpha   90.00
_cell.angle_beta   90.00
_cell.angle_gamma   120.00
#
_symmetry.space_group_name_H-M   'P 65 2 2'
#
loop_
_entity.id
_entity.type
_entity.pdbx_description
1 polymer SidC
2 polymer 'Ubiquitin-conjugating enzyme E2 L3'
3 polymer Polyubiquitin-B
4 water water
#
loop_
_entity_poly.entity_id
_entity_poly.type
_entity_poly.pdbx_seq_one_letter_code
_entity_poly.pdbx_strand_id
1 'polypeptide(L)'
;MVINMVDVIKFKEPERCDYLYVDENNKVHILLPIVGGDEIGLDNTAQTAVELITFFYGSAHSGVTKYSAEHQLSEYKRQL
EEDIKAINSQKKISPHAYDDLLKEKIERLQQIEKYIELIQVLKKQYDEQNDIRQLRTGGIPQLPSGVKEIIKSSENAFAV
RLSPYDNDKFTRFDDPLFNVKRNISKYDTPSRQAPIPIYEGLGYRLRSTLFPEDKTPTPINKKSLRDKVKSTVLSHYKDE
DRIDGEKKDEKLNELITNLQNELVKELVKSDPQYSKLSLSKDPRGKEINYDYLVNSLMLVDNDSEIGDWIDTILDATVDS
TVWVAQASSPFYDGAKEISSDRDADKISIRVQYLLAEANIYCKTNKLSDANFGEFFDKEPHATEIAKRVKEGFTQGADIE
PIIYDYINSNHAELGLKSPLTGKQQQEITDKFTKHYNTIKESPHFDEFFVADPDKKGNIFSHQGRISCHFLDFFTRQTKG
KHPLGDLASHQEALQEGTSNRLHHKNEVVAQGYEKLDQFKKEVVKLLAENKPKELLDYLVAT
;
A
2 'polypeptide(L)'
;MAASRRLMKELEEIRKCGMKNFRNIQVDEANLLTWQGLIVPDNPPYDKGAFRIEINFPAEYPFKPPKITFKTKIYHPNID
EKGQVKLPVISAENWKPATKTDQVIQSLIALVNDPQPEHPLRADLAEEYSKDRKKFCKNAEEFTKKYGEKRPVD
;
B
3 'polypeptide(L)' GSMQIFVKTLTGKTITLEVEPSDTIENVKAKIQDKEGIPPDQQRLIFAGKQLEDGRTLSDYNIQKESTLHLVLRLRGG C
#
# COMPACT_ATOMS: atom_id res chain seq x y z
N VAL A 8 4.66 16.58 -44.01
CA VAL A 8 4.55 15.77 -42.80
C VAL A 8 4.96 14.33 -43.05
N ILE A 9 5.64 13.73 -42.08
CA ILE A 9 6.07 12.36 -42.20
C ILE A 9 5.79 11.62 -40.90
N LYS A 10 5.49 10.34 -41.00
CA LYS A 10 5.22 9.56 -39.80
C LYS A 10 6.52 9.50 -39.04
N PHE A 11 6.45 9.74 -37.73
CA PHE A 11 7.63 9.70 -36.90
C PHE A 11 7.44 8.59 -35.91
N LYS A 12 8.45 7.75 -35.76
CA LYS A 12 8.32 6.63 -34.82
C LYS A 12 8.73 7.00 -33.37
N GLU A 13 9.64 7.97 -33.21
CA GLU A 13 10.11 8.39 -31.89
C GLU A 13 8.91 8.76 -31.02
N PRO A 14 8.73 8.04 -29.88
CA PRO A 14 7.56 8.24 -29.02
C PRO A 14 7.76 9.38 -28.04
N GLU A 15 6.71 10.19 -27.88
CA GLU A 15 6.75 11.29 -26.93
C GLU A 15 7.09 10.82 -25.49
N ARG A 16 6.87 9.53 -25.23
CA ARG A 16 7.14 8.96 -23.91
C ARG A 16 7.89 7.63 -23.99
N CYS A 17 8.85 7.46 -23.09
CA CYS A 17 9.56 6.20 -22.87
C CYS A 17 9.85 6.01 -21.36
N ASP A 18 9.88 4.76 -20.92
CA ASP A 18 10.19 4.45 -19.53
C ASP A 18 11.52 5.04 -19.10
N TYR A 19 11.52 5.66 -17.92
CA TYR A 19 12.73 6.16 -17.30
C TYR A 19 13.35 7.34 -18.03
N LEU A 20 12.74 7.82 -19.11
CA LEU A 20 13.44 8.77 -19.99
C LEU A 20 12.80 10.15 -19.89
N TYR A 21 13.62 11.17 -19.62
CA TYR A 21 13.12 12.56 -19.51
C TYR A 21 14.02 13.53 -20.26
N VAL A 22 13.41 14.51 -20.93
CA VAL A 22 14.17 15.51 -21.70
C VAL A 22 13.79 16.92 -21.28
N ASP A 23 14.76 17.68 -20.79
CA ASP A 23 14.50 19.05 -20.29
C ASP A 23 14.40 20.12 -21.39
N GLU A 24 14.14 21.37 -20.97
CA GLU A 24 14.11 22.54 -21.87
C GLU A 24 15.23 22.52 -22.94
N ASN A 25 16.44 22.08 -22.57
CA ASN A 25 17.61 22.18 -23.44
C ASN A 25 17.96 20.89 -24.17
N ASN A 26 16.94 20.16 -24.58
CA ASN A 26 17.07 18.84 -25.21
C ASN A 26 18.14 17.94 -24.59
N LYS A 27 18.16 17.89 -23.26
CA LYS A 27 19.12 17.02 -22.57
C LYS A 27 18.39 15.71 -22.14
N VAL A 28 19.05 14.56 -22.33
CA VAL A 28 18.42 13.27 -22.03
C VAL A 28 18.89 12.70 -20.70
N HIS A 29 17.93 12.58 -19.80
CA HIS A 29 18.18 12.10 -18.49
C HIS A 29 17.48 10.78 -18.38
N ILE A 30 18.16 9.81 -17.78
CA ILE A 30 17.58 8.53 -17.49
C ILE A 30 17.44 8.41 -15.99
N LEU A 31 16.23 8.25 -15.49
CA LEU A 31 15.99 8.19 -14.05
C LEU A 31 15.85 6.77 -13.48
N LEU A 32 16.69 6.46 -12.48
CA LEU A 32 16.70 5.14 -11.84
C LEU A 32 15.70 5.05 -10.70
N PRO A 33 14.72 4.14 -10.82
CA PRO A 33 13.66 4.05 -9.85
C PRO A 33 14.09 3.34 -8.62
N ILE A 34 13.89 3.98 -7.48
CA ILE A 34 14.16 3.37 -6.20
C ILE A 34 12.93 2.56 -5.81
N VAL A 35 11.76 3.17 -5.95
CA VAL A 35 10.51 2.50 -5.64
C VAL A 35 9.31 3.13 -6.37
N GLY A 36 8.25 2.37 -6.57
CA GLY A 36 7.04 2.91 -7.14
C GLY A 36 6.49 3.95 -6.18
N GLY A 37 5.78 4.94 -6.70
CA GLY A 37 5.26 6.00 -5.87
C GLY A 37 5.48 7.37 -6.44
N ASP A 38 5.01 8.34 -5.70
CA ASP A 38 5.12 9.72 -6.11
C ASP A 38 5.85 10.47 -4.99
N GLU A 39 5.24 10.47 -3.80
CA GLU A 39 5.81 11.04 -2.58
C GLU A 39 6.13 9.96 -1.56
N ILE A 40 5.22 9.07 -1.29
CA ILE A 40 5.54 7.97 -0.40
C ILE A 40 5.57 6.68 -1.21
N GLY A 41 6.52 5.82 -0.91
CA GLY A 41 6.70 4.58 -1.61
C GLY A 41 5.52 3.66 -1.41
N LEU A 42 5.08 3.03 -2.50
CA LEU A 42 3.88 2.22 -2.49
C LEU A 42 4.12 0.70 -2.56
N ASP A 43 5.36 0.27 -2.69
CA ASP A 43 5.62 -1.15 -2.85
C ASP A 43 5.94 -1.76 -1.54
N ASN A 44 5.45 -2.97 -1.34
CA ASN A 44 5.75 -3.69 -0.14
C ASN A 44 5.83 -5.19 -0.43
N THR A 45 6.23 -5.91 0.61
CA THR A 45 6.35 -7.37 0.56
C THR A 45 7.11 -7.84 -0.71
N ALA A 46 6.55 -8.79 -1.49
CA ALA A 46 7.33 -9.41 -2.60
C ALA A 46 7.56 -8.47 -3.75
N GLN A 47 6.88 -7.32 -3.74
CA GLN A 47 7.17 -6.25 -4.68
C GLN A 47 8.21 -5.25 -4.15
N THR A 48 8.64 -5.37 -2.90
CA THR A 48 9.53 -4.37 -2.36
C THR A 48 10.54 -3.83 -3.42
N ALA A 49 11.29 -4.66 -4.12
CA ALA A 49 12.31 -4.15 -5.08
C ALA A 49 12.03 -4.29 -6.59
N VAL A 50 10.77 -4.30 -7.02
CA VAL A 50 10.45 -4.54 -8.42
C VAL A 50 11.02 -3.52 -9.40
N GLU A 51 10.89 -2.25 -9.08
CA GLU A 51 11.26 -1.21 -10.02
C GLU A 51 12.73 -1.29 -10.37
N LEU A 52 13.58 -1.44 -9.36
CA LEU A 52 14.98 -1.79 -9.61
C LEU A 52 15.15 -3.06 -10.42
N ILE A 53 14.60 -4.18 -9.97
CA ILE A 53 14.82 -5.44 -10.71
C ILE A 53 14.44 -5.25 -12.19
N THR A 54 13.27 -4.68 -12.42
CA THR A 54 12.77 -4.50 -13.75
C THR A 54 13.67 -3.58 -14.58
N PHE A 55 14.34 -2.64 -13.94
CA PHE A 55 15.13 -1.66 -14.67
C PHE A 55 16.31 -2.30 -15.37
N PHE A 56 16.94 -3.24 -14.69
CA PHE A 56 18.15 -3.88 -15.21
C PHE A 56 17.87 -5.22 -15.91
N TYR A 57 16.86 -5.96 -15.46
CA TYR A 57 16.62 -7.31 -15.96
C TYR A 57 15.23 -7.54 -16.53
N GLY A 58 14.42 -6.50 -16.64
CA GLY A 58 13.04 -6.69 -17.10
C GLY A 58 12.28 -7.61 -16.17
N SER A 59 11.06 -7.99 -16.54
CA SER A 59 10.15 -8.61 -15.58
C SER A 59 9.04 -9.33 -16.36
N ALA A 60 8.68 -10.51 -15.85
CA ALA A 60 7.47 -11.23 -16.29
C ALA A 60 6.79 -11.58 -14.96
N HIS A 61 5.74 -10.82 -14.62
CA HIS A 61 4.91 -11.13 -13.47
C HIS A 61 3.46 -10.80 -13.84
N SER A 62 2.54 -11.67 -13.43
CA SER A 62 1.19 -11.72 -13.99
C SER A 62 1.22 -12.13 -15.47
N GLY A 63 2.35 -12.70 -15.92
CA GLY A 63 2.57 -13.04 -17.32
C GLY A 63 2.63 -11.87 -18.29
N VAL A 64 2.92 -10.66 -17.78
CA VAL A 64 3.07 -9.49 -18.66
C VAL A 64 4.54 -9.08 -18.76
N THR A 65 5.00 -8.97 -20.01
CA THR A 65 6.39 -8.67 -20.33
C THR A 65 6.71 -7.20 -20.06
N LYS A 66 7.83 -6.98 -19.38
CA LYS A 66 8.28 -5.62 -19.11
C LYS A 66 9.77 -5.58 -19.41
N TYR A 67 10.14 -4.71 -20.35
CA TYR A 67 11.44 -4.77 -20.93
C TYR A 67 12.39 -3.96 -20.12
N SER A 68 13.62 -4.43 -20.05
CA SER A 68 14.72 -3.74 -19.38
C SER A 68 14.85 -2.28 -19.83
N ALA A 69 15.65 -1.51 -19.11
CA ALA A 69 15.99 -0.14 -19.53
C ALA A 69 16.88 -0.20 -20.76
N GLU A 70 17.92 -1.01 -20.67
CA GLU A 70 18.76 -1.36 -21.82
C GLU A 70 17.91 -1.74 -23.04
N HIS A 71 17.01 -2.71 -22.90
CA HIS A 71 16.15 -3.13 -24.01
C HIS A 71 15.35 -1.97 -24.60
N GLN A 72 14.79 -1.13 -23.75
CA GLN A 72 13.94 -0.04 -24.21
C GLN A 72 14.70 1.14 -24.82
N LEU A 73 15.99 1.24 -24.50
CA LEU A 73 16.83 2.28 -25.07
C LEU A 73 17.27 1.85 -26.46
N SER A 74 17.65 0.57 -26.58
CA SER A 74 17.80 -0.09 -27.87
C SER A 74 16.57 0.16 -28.76
N GLU A 75 15.37 -0.06 -28.20
CA GLU A 75 14.09 0.13 -28.92
C GLU A 75 13.87 1.57 -29.30
N TYR A 76 14.27 2.47 -28.43
CA TYR A 76 14.16 3.90 -28.66
C TYR A 76 15.11 4.35 -29.74
N LYS A 77 16.31 3.80 -29.69
CA LYS A 77 17.38 4.14 -30.62
C LYS A 77 17.05 3.78 -32.06
N ARG A 78 16.44 2.63 -32.26
CA ARG A 78 16.10 2.21 -33.61
C ARG A 78 15.11 3.20 -34.19
N GLN A 79 14.17 3.64 -33.38
CA GLN A 79 13.15 4.59 -33.84
C GLN A 79 13.75 5.95 -34.13
N LEU A 80 14.87 6.27 -33.49
CA LEU A 80 15.63 7.47 -33.84
C LEU A 80 16.32 7.23 -35.17
N GLU A 81 17.04 6.11 -35.26
CA GLU A 81 17.78 5.75 -36.48
C GLU A 81 16.87 5.77 -37.72
N GLU A 82 15.69 5.18 -37.62
CA GLU A 82 14.69 5.28 -38.71
C GLU A 82 14.28 6.72 -38.98
N ASP A 83 14.00 7.47 -37.92
CA ASP A 83 13.61 8.88 -38.03
C ASP A 83 14.70 9.78 -38.66
N ILE A 84 15.96 9.32 -38.67
CA ILE A 84 17.06 10.04 -39.35
C ILE A 84 17.14 9.66 -40.84
N LYS A 85 17.05 8.36 -41.13
CA LYS A 85 17.06 7.89 -42.52
C LYS A 85 15.92 8.48 -43.35
N ALA A 86 14.73 8.58 -42.77
CA ALA A 86 13.56 9.13 -43.47
C ALA A 86 13.63 10.67 -43.68
N ILE A 87 14.62 11.33 -43.08
CA ILE A 87 14.95 12.73 -43.40
C ILE A 87 16.14 12.83 -44.37
N ASN A 88 17.07 11.89 -44.25
CA ASN A 88 18.24 11.86 -45.11
C ASN A 88 17.74 11.48 -46.48
N SER A 89 16.76 10.57 -46.50
CA SER A 89 16.15 10.16 -47.75
C SER A 89 15.62 11.42 -48.43
N GLN A 90 14.89 12.21 -47.64
CA GLN A 90 14.34 13.45 -48.12
C GLN A 90 15.24 14.67 -48.12
N LYS A 91 16.16 14.71 -49.08
CA LYS A 91 17.03 15.85 -49.24
C LYS A 91 16.68 16.62 -50.51
N LYS A 92 15.75 16.04 -51.28
CA LYS A 92 15.31 16.65 -52.52
C LYS A 92 14.62 17.98 -52.27
N ILE A 93 13.78 18.02 -51.25
CA ILE A 93 13.05 19.22 -50.86
C ILE A 93 13.58 19.73 -49.53
N SER A 94 14.76 19.23 -49.15
CA SER A 94 15.36 19.61 -47.88
C SER A 94 15.64 21.10 -47.77
N PRO A 95 15.41 21.65 -46.60
CA PRO A 95 15.69 23.06 -46.35
C PRO A 95 17.16 23.22 -45.95
N HIS A 96 17.86 22.11 -45.86
CA HIS A 96 19.25 22.03 -45.43
C HIS A 96 19.31 21.95 -43.90
N ALA A 97 18.13 21.98 -43.29
CA ALA A 97 17.91 21.88 -41.87
C ALA A 97 16.45 21.49 -41.77
N TYR A 98 16.00 21.02 -40.62
CA TYR A 98 14.58 20.68 -40.49
C TYR A 98 14.09 21.57 -39.36
N ASP A 99 14.57 22.80 -39.38
CA ASP A 99 14.25 23.75 -38.33
C ASP A 99 15.02 23.34 -37.07
N ASP A 100 16.08 22.56 -37.29
CA ASP A 100 16.95 22.06 -36.23
C ASP A 100 16.38 20.81 -35.59
N LEU A 101 15.29 20.29 -36.15
CA LEU A 101 14.70 19.08 -35.61
C LEU A 101 15.70 17.93 -35.71
N LEU A 102 16.39 17.86 -36.83
CA LEU A 102 17.37 16.80 -37.04
C LEU A 102 18.48 16.97 -36.01
N LYS A 103 18.86 18.21 -35.78
CA LYS A 103 19.90 18.55 -34.82
C LYS A 103 19.47 17.98 -33.49
N GLU A 104 18.28 18.40 -33.07
CA GLU A 104 17.63 17.85 -31.88
C GLU A 104 17.73 16.33 -31.90
N LYS A 105 17.15 15.71 -32.93
CA LYS A 105 17.03 14.25 -32.99
C LYS A 105 18.35 13.46 -33.03
N ILE A 106 19.45 14.11 -33.39
CA ILE A 106 20.71 13.39 -33.41
C ILE A 106 21.41 13.55 -32.05
N GLU A 107 21.11 14.64 -31.36
CA GLU A 107 21.71 14.88 -30.05
C GLU A 107 21.23 13.80 -29.12
N ARG A 108 19.96 13.45 -29.25
CA ARG A 108 19.35 12.42 -28.43
C ARG A 108 20.05 11.10 -28.71
N LEU A 109 20.37 10.86 -29.97
CA LEU A 109 21.07 9.62 -30.30
C LEU A 109 22.44 9.51 -29.62
N GLN A 110 23.21 10.60 -29.60
CA GLN A 110 24.57 10.56 -29.04
C GLN A 110 24.52 10.27 -27.55
N GLN A 111 23.53 10.88 -26.90
CA GLN A 111 23.30 10.71 -25.47
C GLN A 111 22.82 9.29 -25.14
N ILE A 112 21.69 8.91 -25.72
CA ILE A 112 21.15 7.57 -25.51
C ILE A 112 22.16 6.48 -25.81
N GLU A 113 23.19 6.79 -26.57
CA GLU A 113 24.21 5.80 -26.86
C GLU A 113 25.25 5.79 -25.77
N LYS A 114 25.53 6.96 -25.16
CA LYS A 114 26.40 6.99 -24.00
C LYS A 114 25.76 6.21 -22.85
N TYR A 115 24.48 6.49 -22.59
CA TYR A 115 23.71 5.71 -21.61
C TYR A 115 23.81 4.21 -21.80
N ILE A 116 23.60 3.74 -23.02
CA ILE A 116 23.68 2.30 -23.27
C ILE A 116 25.08 1.73 -22.98
N GLU A 117 26.16 2.46 -23.29
CA GLU A 117 27.53 1.99 -22.93
C GLU A 117 27.53 1.75 -21.42
N LEU A 118 27.21 2.81 -20.70
CA LEU A 118 27.27 2.86 -19.25
C LEU A 118 26.56 1.66 -18.61
N ILE A 119 25.32 1.39 -19.06
CA ILE A 119 24.61 0.20 -18.57
C ILE A 119 25.47 -1.07 -18.72
N GLN A 120 26.05 -1.27 -19.91
CA GLN A 120 26.89 -2.44 -20.18
C GLN A 120 28.01 -2.47 -19.16
N VAL A 121 28.63 -1.31 -18.99
CA VAL A 121 29.79 -1.14 -18.12
C VAL A 121 29.54 -1.49 -16.63
N LEU A 122 28.31 -1.29 -16.15
CA LEU A 122 27.94 -1.68 -14.79
C LEU A 122 27.68 -3.17 -14.57
N LYS A 123 27.22 -3.85 -15.61
CA LYS A 123 26.95 -5.26 -15.52
C LYS A 123 28.19 -6.10 -15.31
N LYS A 124 29.28 -5.75 -15.99
CA LYS A 124 30.49 -6.55 -15.87
C LYS A 124 31.82 -6.03 -15.33
N GLN A 125 32.18 -4.78 -15.63
CA GLN A 125 33.47 -4.26 -15.19
C GLN A 125 33.37 -3.66 -13.78
N TYR A 126 32.30 -2.92 -13.53
CA TYR A 126 32.09 -2.29 -12.24
C TYR A 126 31.02 -2.93 -11.38
N ASP A 127 30.61 -4.14 -11.75
CA ASP A 127 29.59 -4.89 -11.02
C ASP A 127 30.18 -6.00 -10.18
N GLU A 128 31.49 -5.96 -9.94
CA GLU A 128 32.12 -7.04 -9.16
C GLU A 128 31.54 -7.17 -7.76
N GLN A 129 31.23 -6.04 -7.12
CA GLN A 129 30.62 -6.08 -5.80
C GLN A 129 29.29 -6.82 -5.85
N ASN A 130 28.67 -6.78 -7.02
CA ASN A 130 27.37 -7.41 -7.22
C ASN A 130 26.17 -6.79 -6.54
N ASP A 131 26.27 -5.48 -6.28
CA ASP A 131 25.17 -4.80 -5.64
C ASP A 131 23.97 -4.98 -6.54
N ILE A 132 24.15 -4.71 -7.82
CA ILE A 132 23.09 -4.88 -8.79
C ILE A 132 22.76 -6.34 -8.91
N ARG A 133 23.79 -7.19 -8.92
CA ARG A 133 23.61 -8.61 -9.02
C ARG A 133 23.31 -9.17 -7.64
N GLN A 134 22.22 -8.71 -7.05
CA GLN A 134 21.81 -9.15 -5.73
C GLN A 134 20.42 -9.76 -5.71
N LEU A 135 19.72 -9.76 -6.84
CA LEU A 135 18.35 -10.28 -6.83
C LEU A 135 18.13 -11.75 -6.51
N ARG A 136 17.30 -11.98 -5.51
CA ARG A 136 16.88 -13.30 -5.07
C ARG A 136 17.95 -14.03 -4.28
N THR A 137 19.07 -13.37 -4.06
CA THR A 137 20.16 -14.01 -3.34
C THR A 137 19.86 -14.00 -1.85
N GLY A 138 19.29 -12.88 -1.40
CA GLY A 138 18.96 -12.63 -0.01
C GLY A 138 17.52 -12.75 0.40
N GLY A 139 16.71 -13.42 -0.41
CA GLY A 139 15.29 -13.48 -0.15
C GLY A 139 14.78 -12.29 -0.94
N ILE A 140 14.71 -11.14 -0.29
CA ILE A 140 14.30 -9.91 -0.95
C ILE A 140 15.59 -9.13 -1.12
N PRO A 141 15.82 -8.59 -2.38
CA PRO A 141 17.11 -7.90 -2.52
C PRO A 141 17.29 -6.55 -1.81
N GLN A 142 18.49 -6.34 -1.28
CA GLN A 142 18.85 -5.12 -0.62
C GLN A 142 19.18 -4.09 -1.69
N LEU A 143 19.01 -2.83 -1.35
CA LEU A 143 19.25 -1.73 -2.24
C LEU A 143 20.73 -1.73 -2.53
N PRO A 144 21.09 -1.37 -3.76
CA PRO A 144 22.49 -1.28 -4.13
C PRO A 144 23.15 -0.19 -3.30
N SER A 145 24.44 -0.35 -3.08
CA SER A 145 25.19 0.57 -2.26
C SER A 145 25.13 1.97 -2.81
N GLY A 146 25.15 2.10 -4.12
CA GLY A 146 25.08 3.43 -4.71
C GLY A 146 23.76 4.06 -4.34
N VAL A 147 22.69 3.29 -4.39
CA VAL A 147 21.38 3.82 -4.05
C VAL A 147 21.36 4.23 -2.59
N LYS A 148 21.96 3.42 -1.73
CA LYS A 148 21.99 3.74 -0.32
C LYS A 148 22.74 5.02 -0.07
N GLU A 149 23.85 5.21 -0.78
CA GLU A 149 24.64 6.41 -0.63
C GLU A 149 23.85 7.62 -1.07
N ILE A 150 23.14 7.46 -2.18
CA ILE A 150 22.33 8.52 -2.74
C ILE A 150 21.22 8.91 -1.78
N ILE A 151 20.56 7.92 -1.23
CA ILE A 151 19.48 8.14 -0.29
C ILE A 151 19.97 8.77 0.98
N LYS A 152 21.13 8.31 1.40
CA LYS A 152 21.75 8.77 2.62
C LYS A 152 22.07 10.25 2.60
N SER A 153 22.46 10.76 1.45
CA SER A 153 22.84 12.16 1.40
C SER A 153 21.70 13.06 0.94
N SER A 154 20.47 12.57 0.95
CA SER A 154 19.39 13.26 0.25
C SER A 154 18.86 14.47 1.01
N GLU A 155 18.65 15.56 0.33
CA GLU A 155 18.15 16.74 1.00
C GLU A 155 16.63 16.73 0.99
N ASN A 156 16.01 15.89 0.16
CA ASN A 156 14.56 15.97 -0.04
C ASN A 156 13.75 14.66 0.10
N ALA A 157 14.44 13.55 0.36
CA ALA A 157 13.74 12.26 0.44
C ALA A 157 14.34 11.49 1.58
N PHE A 158 13.49 10.83 2.35
CA PHE A 158 13.85 10.36 3.66
C PHE A 158 13.06 9.18 4.05
N ALA A 159 13.68 8.31 4.82
CA ALA A 159 13.04 7.14 5.31
C ALA A 159 12.67 7.37 6.74
N VAL A 160 11.65 6.66 7.21
CA VAL A 160 11.25 6.72 8.60
C VAL A 160 11.00 5.33 9.10
N ARG A 161 11.49 5.01 10.29
CA ARG A 161 11.22 3.71 10.87
C ARG A 161 10.40 3.90 12.13
N LEU A 162 9.49 2.97 12.39
CA LEU A 162 8.52 3.10 13.47
C LEU A 162 8.54 1.88 14.35
N SER A 163 7.70 1.91 15.41
CA SER A 163 7.65 0.78 16.32
C SER A 163 6.30 0.11 16.40
N PRO A 164 5.99 -0.79 15.47
CA PRO A 164 4.82 -1.59 15.62
C PRO A 164 5.02 -2.67 16.68
N TYR A 165 3.98 -3.08 17.40
CA TYR A 165 4.16 -4.10 18.43
C TYR A 165 4.83 -5.34 17.87
N ASP A 166 4.29 -5.82 16.76
CA ASP A 166 4.84 -6.98 16.10
C ASP A 166 5.70 -6.56 14.93
N ASN A 167 6.96 -6.23 15.20
CA ASN A 167 7.90 -5.77 14.17
C ASN A 167 8.65 -6.86 13.47
N ASP A 168 9.23 -6.45 12.34
CA ASP A 168 10.10 -7.27 11.51
C ASP A 168 11.56 -7.09 11.96
N LYS A 169 12.39 -8.08 11.71
CA LYS A 169 13.77 -8.04 12.14
C LYS A 169 14.61 -7.10 11.30
N PHE A 170 14.51 -7.20 9.97
CA PHE A 170 15.38 -6.44 9.10
C PHE A 170 14.67 -5.27 8.51
N THR A 171 15.43 -4.23 8.25
CA THR A 171 14.93 -3.01 7.67
C THR A 171 15.74 -2.71 6.46
N ARG A 172 15.05 -2.17 5.48
CA ARG A 172 15.56 -1.99 4.16
C ARG A 172 16.36 -0.69 4.05
N PHE A 173 15.94 0.32 4.81
CA PHE A 173 16.56 1.63 4.77
C PHE A 173 17.39 1.79 6.02
N ASP A 174 18.67 2.05 5.79
CA ASP A 174 19.69 2.08 6.82
C ASP A 174 19.91 3.42 7.52
N ASP A 175 19.43 4.50 6.94
CA ASP A 175 19.60 5.81 7.53
C ASP A 175 18.29 6.55 7.59
N PRO A 176 17.37 6.07 8.51
CA PRO A 176 16.11 6.79 8.54
C PRO A 176 16.20 8.09 9.34
N LEU A 177 15.51 9.13 8.88
CA LEU A 177 15.51 10.41 9.57
C LEU A 177 14.87 10.32 10.94
N PHE A 178 13.75 9.62 10.99
CA PHE A 178 12.98 9.38 12.21
C PHE A 178 13.19 7.95 12.57
N ASN A 179 13.41 7.69 13.84
CA ASN A 179 13.72 6.35 14.23
C ASN A 179 13.53 6.20 15.69
N VAL A 180 12.94 5.09 16.10
CA VAL A 180 12.63 4.86 17.51
C VAL A 180 12.87 3.43 17.92
N LYS A 181 12.84 3.21 19.23
CA LYS A 181 13.08 1.89 19.80
C LYS A 181 11.97 0.91 19.42
N ARG A 182 12.35 -0.34 19.24
CA ARG A 182 11.45 -1.38 18.81
C ARG A 182 11.67 -2.64 19.64
N ASN A 183 10.64 -3.50 19.65
CA ASN A 183 10.74 -4.77 20.34
C ASN A 183 11.62 -5.68 19.55
N ILE A 184 11.83 -6.85 20.11
CA ILE A 184 12.45 -7.92 19.39
C ILE A 184 11.38 -8.55 18.50
N SER A 185 11.71 -8.72 17.23
CA SER A 185 10.87 -9.39 16.28
C SER A 185 10.66 -10.83 16.67
N LYS A 186 9.45 -11.34 16.51
CA LYS A 186 9.22 -12.75 16.76
C LYS A 186 10.12 -13.60 15.89
N TYR A 187 10.41 -13.16 14.68
CA TYR A 187 11.26 -13.96 13.80
C TYR A 187 12.69 -14.02 14.27
N ASP A 188 13.02 -13.37 15.38
CA ASP A 188 14.37 -13.34 15.90
C ASP A 188 14.36 -13.90 17.29
N THR A 189 13.58 -14.95 17.52
CA THR A 189 13.46 -15.56 18.82
C THR A 189 13.60 -17.05 18.62
N PRO A 190 13.99 -17.78 19.67
CA PRO A 190 14.14 -19.19 19.37
C PRO A 190 12.86 -19.85 18.88
N SER A 191 11.73 -19.53 19.48
CA SER A 191 10.48 -20.22 19.13
C SER A 191 9.69 -19.64 17.94
N ARG A 192 10.11 -18.50 17.41
CA ARG A 192 9.37 -17.76 16.38
C ARG A 192 7.87 -17.48 16.64
N GLN A 193 7.41 -17.57 17.88
CA GLN A 193 5.99 -17.43 18.20
C GLN A 193 5.46 -16.03 18.40
N ALA A 194 6.19 -15.20 19.16
CA ALA A 194 5.74 -13.81 19.53
C ALA A 194 6.86 -12.83 19.69
N PRO A 195 6.59 -11.55 19.46
CA PRO A 195 7.68 -10.60 19.69
C PRO A 195 8.01 -10.58 21.17
N ILE A 196 9.16 -10.11 21.57
CA ILE A 196 9.39 -9.90 22.98
C ILE A 196 9.39 -8.42 23.16
N PRO A 197 8.58 -7.92 24.08
CA PRO A 197 8.41 -6.51 24.23
C PRO A 197 9.47 -5.92 25.11
N ILE A 198 9.98 -4.76 24.70
CA ILE A 198 10.78 -3.93 25.59
C ILE A 198 9.82 -3.06 26.39
N TYR A 199 10.26 -2.53 27.51
CA TYR A 199 9.39 -1.70 28.38
C TYR A 199 9.88 -0.28 28.49
N GLU A 200 10.31 0.25 27.36
CA GLU A 200 10.71 1.63 27.30
C GLU A 200 10.53 2.24 25.91
N GLY A 201 10.21 3.53 25.88
CA GLY A 201 10.27 4.35 24.69
C GLY A 201 8.91 4.78 24.19
N LEU A 202 8.91 5.49 23.07
CA LEU A 202 7.67 6.08 22.54
C LEU A 202 6.62 5.01 22.25
N GLY A 203 7.04 4.03 21.46
CA GLY A 203 6.13 2.98 21.03
C GLY A 203 5.46 2.29 22.21
N TYR A 204 6.24 1.98 23.22
CA TYR A 204 5.75 1.25 24.34
C TYR A 204 4.89 2.10 25.21
N ARG A 205 5.24 3.36 25.47
CA ARG A 205 4.35 4.15 26.38
C ARG A 205 3.01 4.34 25.72
N LEU A 206 3.01 4.56 24.41
CA LEU A 206 1.78 4.77 23.68
C LEU A 206 0.87 3.56 23.87
N ARG A 207 1.39 2.37 23.57
CA ARG A 207 0.55 1.18 23.58
C ARG A 207 0.06 0.89 25.00
N SER A 208 0.98 0.83 25.95
CA SER A 208 0.61 0.62 27.35
C SER A 208 -0.22 1.74 28.03
N THR A 209 -0.28 2.96 27.48
CA THR A 209 -1.18 4.01 27.99
C THR A 209 -2.57 3.84 27.37
N LEU A 210 -2.62 3.61 26.07
CA LEU A 210 -3.89 3.64 25.32
C LEU A 210 -4.73 2.43 25.56
N PHE A 211 -4.11 1.27 25.67
CA PHE A 211 -4.81 0.11 26.22
C PHE A 211 -4.00 -0.57 27.35
N PRO A 212 -4.22 -0.16 28.61
CA PRO A 212 -3.39 -0.67 29.70
C PRO A 212 -3.57 -2.15 30.06
N GLU A 213 -2.78 -2.63 31.01
CA GLU A 213 -2.90 -4.00 31.53
C GLU A 213 -4.18 -4.26 32.31
N ASP A 214 -4.72 -3.18 32.89
CA ASP A 214 -6.03 -3.21 33.55
C ASP A 214 -7.12 -3.49 32.53
N LYS A 215 -6.79 -3.41 31.25
CA LYS A 215 -7.75 -3.64 30.16
C LYS A 215 -8.85 -2.57 30.08
N THR A 216 -8.61 -1.43 30.73
CA THR A 216 -9.49 -0.26 30.72
C THR A 216 -9.56 0.38 29.32
N PRO A 217 -10.66 0.14 28.57
CA PRO A 217 -10.70 0.72 27.25
C PRO A 217 -10.51 2.22 27.31
N THR A 218 -10.09 2.83 26.21
CA THR A 218 -9.90 4.28 26.15
C THR A 218 -10.95 4.79 25.21
N PRO A 219 -11.85 5.63 25.71
CA PRO A 219 -12.93 6.09 24.84
C PRO A 219 -12.46 7.10 23.79
N ILE A 220 -13.01 6.94 22.60
CA ILE A 220 -12.74 7.82 21.46
C ILE A 220 -14.06 8.53 21.17
N ASN A 221 -14.24 9.70 21.77
CA ASN A 221 -15.53 10.39 21.75
C ASN A 221 -15.58 11.48 20.70
N LYS A 222 -16.11 11.14 19.54
CA LYS A 222 -16.34 12.16 18.53
C LYS A 222 -17.50 11.72 17.67
N LYS A 223 -18.46 12.62 17.44
CA LYS A 223 -19.53 12.33 16.50
C LYS A 223 -18.99 12.50 15.08
N SER A 224 -19.11 11.44 14.30
CA SER A 224 -18.83 11.47 12.88
C SER A 224 -20.12 11.59 12.08
N LEU A 225 -19.98 11.91 10.80
CA LEU A 225 -21.15 12.07 9.97
C LEU A 225 -21.95 10.79 10.05
N ARG A 226 -21.27 9.67 10.06
CA ARG A 226 -21.93 8.39 10.16
C ARG A 226 -22.68 8.27 11.49
N ASP A 227 -22.10 8.76 12.57
CA ASP A 227 -22.73 8.68 13.89
C ASP A 227 -24.05 9.44 13.93
N LYS A 228 -24.05 10.60 13.31
CA LYS A 228 -25.18 11.47 13.20
C LYS A 228 -26.30 10.84 12.37
N VAL A 229 -25.95 10.23 11.25
CA VAL A 229 -26.96 9.66 10.34
C VAL A 229 -27.67 8.52 11.07
N LYS A 230 -26.89 7.70 11.75
CA LYS A 230 -27.42 6.61 12.56
C LYS A 230 -28.48 7.10 13.55
N SER A 231 -28.18 8.17 14.27
CA SER A 231 -29.08 8.66 15.32
C SER A 231 -30.31 9.31 14.72
N THR A 232 -30.13 9.99 13.59
CA THR A 232 -31.22 10.64 12.86
C THR A 232 -32.23 9.59 12.45
N VAL A 233 -31.73 8.48 11.92
CA VAL A 233 -32.59 7.43 11.43
C VAL A 233 -33.18 6.66 12.60
N LEU A 234 -32.37 6.37 13.61
CA LEU A 234 -32.88 5.71 14.83
C LEU A 234 -33.91 6.51 15.60
N SER A 235 -33.90 7.83 15.43
CA SER A 235 -34.90 8.71 16.08
C SER A 235 -36.36 8.48 15.61
N HIS A 236 -36.55 7.70 14.55
CA HIS A 236 -37.87 7.28 14.08
C HIS A 236 -38.23 5.85 14.50
N TYR A 237 -37.39 5.21 15.29
CA TYR A 237 -37.67 3.85 15.75
C TYR A 237 -37.67 3.92 17.26
N LYS A 238 -38.11 2.84 17.87
CA LYS A 238 -38.13 2.75 19.30
C LYS A 238 -37.21 1.61 19.67
N ASP A 239 -36.85 1.54 20.95
CA ASP A 239 -35.76 0.71 21.39
C ASP A 239 -36.06 -0.78 21.31
N GLU A 240 -37.35 -1.14 21.27
CA GLU A 240 -37.76 -2.54 21.13
C GLU A 240 -38.36 -2.85 19.76
N ASP A 241 -38.16 -1.98 18.78
CA ASP A 241 -38.46 -2.33 17.40
C ASP A 241 -37.44 -3.41 17.00
N ARG A 242 -37.84 -4.28 16.07
CA ARG A 242 -36.98 -5.37 15.58
C ARG A 242 -37.33 -5.69 14.14
N ILE A 243 -36.59 -6.62 13.56
CA ILE A 243 -36.87 -7.12 12.21
C ILE A 243 -37.26 -8.60 12.36
N ASP A 244 -38.56 -8.88 12.15
CA ASP A 244 -39.16 -10.22 12.35
C ASP A 244 -40.63 -10.17 11.90
N GLY A 245 -41.40 -11.24 12.15
CA GLY A 245 -42.77 -11.36 11.61
C GLY A 245 -42.63 -11.86 10.19
N GLU A 246 -43.73 -11.92 9.44
CA GLU A 246 -43.61 -12.23 8.00
C GLU A 246 -43.37 -10.92 7.27
N LYS A 247 -43.55 -9.81 7.97
CA LYS A 247 -43.17 -8.50 7.45
C LYS A 247 -41.70 -8.14 7.71
N LYS A 248 -40.89 -9.10 8.17
CA LYS A 248 -39.44 -8.92 8.27
C LYS A 248 -38.85 -8.26 7.02
N ASP A 249 -39.18 -8.77 5.84
CA ASP A 249 -38.46 -8.38 4.63
C ASP A 249 -38.73 -6.92 4.29
N GLU A 250 -40.01 -6.56 4.33
CA GLU A 250 -40.48 -5.22 4.00
C GLU A 250 -39.98 -4.17 4.97
N LYS A 251 -39.94 -4.52 6.24
CA LYS A 251 -39.48 -3.60 7.26
C LYS A 251 -38.04 -3.23 6.96
N LEU A 252 -37.28 -4.23 6.53
CA LEU A 252 -35.88 -4.02 6.19
C LEU A 252 -35.71 -3.08 5.02
N ASN A 253 -36.56 -3.19 4.02
CA ASN A 253 -36.45 -2.35 2.83
C ASN A 253 -36.82 -0.94 3.17
N GLU A 254 -37.71 -0.76 4.16
CA GLU A 254 -37.99 0.55 4.72
C GLU A 254 -36.74 1.11 5.41
N LEU A 255 -36.15 0.29 6.28
CA LEU A 255 -34.94 0.68 7.00
C LEU A 255 -33.84 1.11 6.06
N ILE A 256 -33.67 0.35 4.98
CA ILE A 256 -32.60 0.63 4.03
C ILE A 256 -32.89 1.92 3.33
N THR A 257 -34.10 2.03 2.81
CA THR A 257 -34.51 3.22 2.09
C THR A 257 -34.41 4.48 2.94
N ASN A 258 -34.78 4.42 4.23
CA ASN A 258 -34.65 5.60 5.13
C ASN A 258 -33.18 5.93 5.29
N LEU A 259 -32.44 4.91 5.70
CA LEU A 259 -31.02 5.04 5.87
C LEU A 259 -30.36 5.64 4.64
N GLN A 260 -30.75 5.14 3.50
CA GLN A 260 -30.10 5.56 2.28
C GLN A 260 -30.29 7.05 2.03
N ASN A 261 -31.48 7.57 2.32
CA ASN A 261 -31.81 8.96 2.00
C ASN A 261 -31.09 9.95 2.89
N GLU A 262 -31.16 9.69 4.19
CA GLU A 262 -30.54 10.50 5.22
C GLU A 262 -29.04 10.53 5.03
N LEU A 263 -28.45 9.41 4.65
CA LEU A 263 -27.04 9.33 4.38
C LEU A 263 -26.70 10.23 3.21
N VAL A 264 -27.32 9.98 2.07
CA VAL A 264 -27.04 10.78 0.87
C VAL A 264 -27.30 12.25 1.15
N LYS A 265 -28.33 12.55 1.94
CA LYS A 265 -28.64 13.93 2.28
C LYS A 265 -27.51 14.60 3.02
N GLU A 266 -26.92 13.91 4.01
CA GLU A 266 -25.79 14.44 4.74
C GLU A 266 -24.52 14.42 3.92
N LEU A 267 -24.42 13.52 2.94
CA LEU A 267 -23.16 13.35 2.19
C LEU A 267 -22.98 14.44 1.14
N VAL A 268 -24.05 14.78 0.46
CA VAL A 268 -23.93 15.70 -0.65
C VAL A 268 -23.72 17.14 -0.17
N LYS A 269 -24.04 17.42 1.10
CA LYS A 269 -23.73 18.72 1.70
C LYS A 269 -22.31 19.18 1.39
N SER A 270 -21.37 18.24 1.28
CA SER A 270 -19.99 18.61 1.04
C SER A 270 -19.34 17.89 -0.14
N ASP A 271 -19.86 16.73 -0.52
CA ASP A 271 -19.45 16.13 -1.80
C ASP A 271 -20.62 15.59 -2.60
N PRO A 272 -21.13 16.42 -3.55
CA PRO A 272 -22.10 16.11 -4.60
C PRO A 272 -21.91 14.80 -5.35
N GLN A 273 -20.69 14.25 -5.36
CA GLN A 273 -20.40 13.00 -6.04
C GLN A 273 -21.30 11.87 -5.51
N TYR A 274 -21.70 11.96 -4.24
CA TYR A 274 -22.46 10.87 -3.62
C TYR A 274 -23.98 10.89 -3.76
N SER A 275 -24.53 11.70 -4.67
CA SER A 275 -25.98 11.71 -4.85
C SER A 275 -26.44 10.40 -5.49
N LYS A 276 -25.60 9.81 -6.33
CA LYS A 276 -25.84 8.50 -6.94
C LYS A 276 -25.59 7.31 -6.01
N LEU A 277 -25.27 7.56 -4.75
CA LEU A 277 -24.94 6.46 -3.86
C LEU A 277 -26.18 5.60 -3.50
N SER A 278 -26.12 4.30 -3.78
CA SER A 278 -27.17 3.35 -3.35
C SER A 278 -26.71 2.41 -2.24
N LEU A 279 -27.64 1.92 -1.44
CA LEU A 279 -27.33 0.90 -0.45
C LEU A 279 -28.05 -0.43 -0.71
N SER A 280 -28.50 -0.69 -1.93
CA SER A 280 -29.35 -1.87 -2.16
C SER A 280 -28.50 -3.11 -2.48
N LYS A 281 -27.33 -2.87 -3.07
CA LYS A 281 -26.41 -3.94 -3.40
C LYS A 281 -25.09 -3.81 -2.64
N ASP A 282 -24.39 -4.93 -2.52
CA ASP A 282 -23.02 -4.91 -2.07
C ASP A 282 -22.19 -4.63 -3.32
N PRO A 283 -20.85 -4.58 -3.17
CA PRO A 283 -20.04 -4.16 -4.32
C PRO A 283 -20.07 -5.13 -5.49
N ARG A 284 -20.29 -6.41 -5.18
CA ARG A 284 -20.34 -7.45 -6.20
C ARG A 284 -21.76 -7.77 -6.69
N GLY A 285 -22.72 -6.93 -6.34
CA GLY A 285 -24.03 -6.98 -6.97
C GLY A 285 -25.10 -7.64 -6.13
N LYS A 286 -24.77 -8.07 -4.92
CA LYS A 286 -25.66 -8.95 -4.19
C LYS A 286 -26.72 -8.17 -3.40
N GLU A 287 -27.99 -8.44 -3.64
CA GLU A 287 -29.02 -7.72 -2.91
C GLU A 287 -28.87 -7.94 -1.42
N ILE A 288 -28.88 -6.82 -0.71
CA ILE A 288 -28.90 -6.82 0.73
C ILE A 288 -30.28 -7.22 1.18
N ASN A 289 -30.42 -8.36 1.86
CA ASN A 289 -31.72 -8.82 2.36
C ASN A 289 -31.57 -9.64 3.63
N TYR A 290 -32.71 -10.04 4.21
CA TYR A 290 -32.67 -10.80 5.45
C TYR A 290 -31.79 -12.05 5.30
N ASP A 291 -31.98 -12.80 4.23
CA ASP A 291 -31.16 -13.99 4.02
C ASP A 291 -29.64 -13.67 4.18
N TYR A 292 -29.18 -12.71 3.38
CA TYR A 292 -27.76 -12.40 3.25
C TYR A 292 -27.10 -12.00 4.54
N LEU A 293 -27.76 -11.13 5.30
CA LEU A 293 -27.15 -10.57 6.49
C LEU A 293 -27.33 -11.47 7.68
N VAL A 294 -28.30 -12.35 7.63
CA VAL A 294 -28.55 -13.18 8.78
C VAL A 294 -27.98 -14.59 8.60
N ASN A 295 -28.05 -15.13 7.39
CA ASN A 295 -27.70 -16.53 7.16
C ASN A 295 -26.34 -16.63 6.51
N SER A 296 -26.15 -15.95 5.38
CA SER A 296 -24.82 -15.79 4.77
C SER A 296 -23.80 -15.19 5.72
N LEU A 297 -23.99 -13.93 6.08
CA LEU A 297 -23.12 -13.17 6.97
C LEU A 297 -23.16 -13.47 8.48
N MET A 298 -24.34 -13.75 9.01
CA MET A 298 -24.46 -14.02 10.43
C MET A 298 -24.06 -12.85 11.32
N LEU A 299 -24.39 -11.64 10.89
CA LEU A 299 -24.04 -10.43 11.64
C LEU A 299 -25.19 -9.91 12.50
N VAL A 300 -26.41 -10.25 12.10
CA VAL A 300 -27.65 -9.81 12.76
C VAL A 300 -28.64 -10.98 12.85
N ASP A 301 -29.81 -10.72 13.44
CA ASP A 301 -30.95 -11.66 13.42
C ASP A 301 -32.20 -11.00 14.00
N ASN A 302 -33.34 -11.69 13.91
CA ASN A 302 -34.61 -11.20 14.46
C ASN A 302 -34.45 -10.41 15.78
N ASP A 303 -33.65 -10.94 16.69
CA ASP A 303 -33.45 -10.30 18.00
C ASP A 303 -32.59 -9.03 17.98
N SER A 304 -31.74 -8.85 16.97
CA SER A 304 -30.87 -7.66 16.88
C SER A 304 -31.62 -6.32 16.90
N GLU A 305 -31.04 -5.34 17.60
CA GLU A 305 -31.56 -3.97 17.64
C GLU A 305 -31.37 -3.31 16.30
N ILE A 306 -32.05 -2.19 16.09
CA ILE A 306 -32.05 -1.57 14.78
C ILE A 306 -30.67 -0.99 14.49
N GLY A 307 -30.02 -0.47 15.52
CA GLY A 307 -28.64 -0.02 15.40
C GLY A 307 -27.72 -1.00 14.70
N ASP A 308 -27.67 -2.23 15.19
CA ASP A 308 -26.77 -3.24 14.61
C ASP A 308 -27.19 -3.58 13.18
N TRP A 309 -28.50 -3.47 12.92
CA TRP A 309 -29.00 -3.62 11.57
C TRP A 309 -28.45 -2.53 10.64
N ILE A 310 -28.36 -1.31 11.15
CA ILE A 310 -27.84 -0.18 10.39
C ILE A 310 -26.34 -0.27 10.12
N ASP A 311 -25.60 -0.59 11.17
CA ASP A 311 -24.16 -0.67 11.05
C ASP A 311 -23.79 -1.75 10.06
N THR A 312 -24.49 -2.87 10.13
CA THR A 312 -24.21 -3.97 9.23
C THR A 312 -24.43 -3.59 7.79
N ILE A 313 -25.54 -2.91 7.51
CA ILE A 313 -25.85 -2.53 6.16
C ILE A 313 -24.78 -1.60 5.62
N LEU A 314 -24.40 -0.64 6.45
CA LEU A 314 -23.39 0.30 6.02
C LEU A 314 -22.06 -0.36 5.76
N ASP A 315 -21.67 -1.27 6.64
CA ASP A 315 -20.39 -1.93 6.49
C ASP A 315 -20.40 -2.70 5.21
N ALA A 316 -21.50 -3.38 4.96
CA ALA A 316 -21.66 -4.21 3.77
C ALA A 316 -21.70 -3.45 2.45
N THR A 317 -22.37 -2.31 2.45
CA THR A 317 -22.55 -1.55 1.23
C THR A 317 -21.63 -0.39 0.86
N VAL A 318 -21.21 0.41 1.84
CA VAL A 318 -20.39 1.58 1.54
C VAL A 318 -18.89 1.36 1.47
N ASP A 319 -18.27 1.86 0.40
CA ASP A 319 -16.83 1.73 0.25
C ASP A 319 -16.29 2.53 1.37
N SER A 320 -15.10 2.18 1.84
CA SER A 320 -14.53 2.90 2.97
C SER A 320 -14.05 4.32 2.67
N THR A 321 -13.78 4.61 1.40
CA THR A 321 -13.37 5.97 1.04
C THR A 321 -14.44 6.98 1.41
N VAL A 322 -15.69 6.53 1.45
CA VAL A 322 -16.76 7.46 1.66
C VAL A 322 -16.64 8.09 3.04
N TRP A 323 -16.08 7.35 4.00
CA TRP A 323 -16.01 7.85 5.36
C TRP A 323 -14.84 8.76 5.56
N VAL A 324 -13.73 8.51 4.87
CA VAL A 324 -12.53 9.32 5.10
C VAL A 324 -12.69 10.70 4.48
N ALA A 325 -13.03 10.78 3.20
CA ALA A 325 -13.11 12.09 2.56
C ALA A 325 -13.86 13.11 3.46
N GLN A 326 -14.86 12.59 4.18
CA GLN A 326 -15.70 13.33 5.12
C GLN A 326 -15.16 13.44 6.58
N ALA A 327 -13.86 13.21 6.76
CA ALA A 327 -13.32 13.23 8.12
C ALA A 327 -12.18 14.20 8.35
N SER A 328 -12.15 14.76 9.55
CA SER A 328 -11.12 15.69 9.94
C SER A 328 -9.71 15.08 9.92
N SER A 329 -9.58 13.84 10.40
CA SER A 329 -8.25 13.24 10.44
C SER A 329 -8.19 11.73 10.46
N PRO A 330 -6.94 11.23 10.10
CA PRO A 330 -6.84 9.77 10.15
C PRO A 330 -7.02 9.28 11.56
N PHE A 331 -6.79 10.13 12.54
CA PHE A 331 -6.92 9.68 13.92
C PHE A 331 -8.30 9.13 14.26
N TYR A 332 -9.34 9.75 13.74
CA TYR A 332 -10.68 9.23 13.99
C TYR A 332 -11.09 8.48 12.73
N ASP A 333 -11.09 7.16 12.84
CA ASP A 333 -11.45 6.28 11.74
C ASP A 333 -12.86 5.76 11.92
N GLY A 334 -13.59 6.36 12.85
CA GLY A 334 -14.95 5.95 13.15
C GLY A 334 -15.09 4.99 14.29
N ALA A 335 -13.98 4.60 14.90
CA ALA A 335 -14.04 3.70 16.04
C ALA A 335 -14.55 4.51 17.22
N LYS A 336 -15.11 3.83 18.21
CA LYS A 336 -15.65 4.48 19.41
C LYS A 336 -14.79 4.29 20.64
N GLU A 337 -14.08 3.18 20.73
CA GLU A 337 -13.10 3.04 21.79
C GLU A 337 -11.86 2.22 21.41
N ILE A 338 -10.81 2.43 22.19
CA ILE A 338 -9.60 1.63 22.10
C ILE A 338 -9.80 0.51 23.08
N SER A 339 -9.86 -0.71 22.61
CA SER A 339 -10.33 -1.81 23.44
C SER A 339 -9.49 -3.06 23.32
N SER A 340 -8.32 -2.92 22.69
CA SER A 340 -7.41 -4.04 22.55
C SER A 340 -6.00 -3.55 22.38
N ASP A 341 -5.08 -4.44 22.68
CA ASP A 341 -3.73 -4.22 22.31
C ASP A 341 -3.69 -3.83 20.84
N ARG A 342 -4.30 -4.61 19.95
CA ARG A 342 -4.27 -4.25 18.53
C ARG A 342 -4.72 -2.83 18.25
N ASP A 343 -5.84 -2.41 18.82
CA ASP A 343 -6.30 -1.05 18.58
C ASP A 343 -5.22 -0.04 18.93
N ALA A 344 -4.62 -0.22 20.10
CA ALA A 344 -3.51 0.61 20.54
C ALA A 344 -2.33 0.60 19.56
N ASP A 345 -1.97 -0.56 19.07
CA ASP A 345 -0.90 -0.64 18.10
C ASP A 345 -1.16 0.33 16.96
N LYS A 346 -2.33 0.19 16.32
CA LYS A 346 -2.74 1.02 15.19
C LYS A 346 -2.63 2.51 15.51
N ILE A 347 -3.01 2.89 16.72
CA ILE A 347 -3.02 4.29 17.05
C ILE A 347 -1.62 4.76 17.40
N SER A 348 -0.89 3.92 18.15
CA SER A 348 0.50 4.19 18.41
C SER A 348 1.23 4.45 17.09
N ILE A 349 0.89 3.72 16.05
CA ILE A 349 1.52 3.92 14.76
C ILE A 349 1.09 5.26 14.13
N ARG A 350 -0.19 5.58 14.24
CA ARG A 350 -0.66 6.83 13.72
C ARG A 350 0.18 7.97 14.28
N VAL A 351 0.38 7.92 15.60
CA VAL A 351 1.01 9.00 16.33
C VAL A 351 2.45 9.10 15.90
N GLN A 352 3.10 7.96 15.85
CA GLN A 352 4.47 7.90 15.40
C GLN A 352 4.59 8.43 13.98
N TYR A 353 3.68 7.99 13.10
CA TYR A 353 3.78 8.42 11.70
C TYR A 353 3.56 9.92 11.57
N LEU A 354 2.75 10.46 12.46
CA LEU A 354 2.51 11.89 12.43
C LEU A 354 3.77 12.62 12.83
N LEU A 355 4.45 12.16 13.88
CA LEU A 355 5.71 12.78 14.26
C LEU A 355 6.69 12.69 13.13
N ALA A 356 6.72 11.53 12.46
CA ALA A 356 7.70 11.29 11.44
C ALA A 356 7.52 12.31 10.34
N GLU A 357 6.25 12.58 10.04
CA GLU A 357 5.92 13.59 9.06
C GLU A 357 6.33 14.98 9.55
N ALA A 358 6.05 15.29 10.80
CA ALA A 358 6.55 16.55 11.34
C ALA A 358 8.08 16.61 11.19
N ASN A 359 8.74 15.52 11.54
CA ASN A 359 10.17 15.45 11.45
C ASN A 359 10.61 15.62 9.98
N ILE A 360 9.88 15.04 9.05
CA ILE A 360 10.23 15.26 7.64
C ILE A 360 10.10 16.73 7.17
N TYR A 361 9.05 17.40 7.63
CA TYR A 361 8.77 18.78 7.24
C TYR A 361 9.94 19.64 7.70
N CYS A 362 10.27 19.50 8.98
CA CYS A 362 11.32 20.29 9.59
C CYS A 362 12.68 20.07 8.95
N LYS A 363 12.94 18.86 8.47
CA LYS A 363 14.20 18.57 7.81
C LYS A 363 14.25 19.14 6.39
N THR A 364 13.21 18.91 5.62
CA THR A 364 13.20 19.32 4.22
C THR A 364 13.10 20.82 4.10
N ASN A 365 12.60 21.45 5.15
CA ASN A 365 12.48 22.90 5.19
C ASN A 365 13.65 23.54 5.89
N LYS A 366 14.65 22.74 6.26
CA LYS A 366 15.84 23.22 6.97
C LYS A 366 15.50 23.92 8.28
N LEU A 367 14.53 23.42 9.03
CA LEU A 367 14.25 23.94 10.34
C LEU A 367 15.11 23.22 11.37
N SER A 368 15.36 21.92 11.15
CA SER A 368 16.10 21.12 12.09
C SER A 368 16.59 19.85 11.46
N ASP A 369 17.78 19.43 11.92
CA ASP A 369 18.41 18.18 11.55
C ASP A 369 18.12 17.03 12.49
N ALA A 370 17.38 17.24 13.57
CA ALA A 370 17.13 16.16 14.56
C ALA A 370 16.33 14.87 14.15
N ASN A 371 16.53 13.81 14.93
CA ASN A 371 15.65 12.67 14.90
C ASN A 371 14.65 12.85 16.00
N PHE A 372 13.45 13.31 15.64
CA PHE A 372 12.39 13.48 16.62
C PHE A 372 12.11 12.20 17.45
N GLY A 373 12.42 11.04 16.86
CA GLY A 373 12.17 9.77 17.52
C GLY A 373 13.02 9.59 18.75
N GLU A 374 14.24 10.07 18.64
CA GLU A 374 15.16 9.95 19.74
C GLU A 374 14.64 10.83 20.87
N PHE A 375 14.11 11.99 20.55
CA PHE A 375 13.64 12.87 21.59
C PHE A 375 12.47 12.24 22.31
N PHE A 376 11.45 11.87 21.53
CA PHE A 376 10.25 11.36 22.14
C PHE A 376 10.37 9.97 22.74
N ASP A 377 11.46 9.24 22.41
CA ASP A 377 11.75 7.99 23.10
C ASP A 377 12.11 8.30 24.56
N LYS A 378 12.78 9.42 24.81
CA LYS A 378 13.22 9.75 26.16
C LYS A 378 12.11 10.09 27.14
N GLU A 379 12.22 9.58 28.35
CA GLU A 379 11.26 9.90 29.38
C GLU A 379 11.62 11.33 29.77
N PRO A 380 10.65 12.21 30.24
CA PRO A 380 9.31 11.67 30.42
C PRO A 380 8.46 11.97 29.21
N HIS A 381 9.09 12.37 28.12
CA HIS A 381 8.34 12.74 26.90
C HIS A 381 7.50 11.59 26.33
N ALA A 382 8.11 10.43 26.27
CA ALA A 382 7.40 9.22 25.97
C ALA A 382 6.14 9.08 26.82
N THR A 383 6.26 9.28 28.15
CA THR A 383 5.11 9.01 29.01
C THR A 383 4.09 10.12 28.84
N GLU A 384 4.61 11.34 28.75
CA GLU A 384 3.76 12.50 28.71
C GLU A 384 2.89 12.47 27.46
N ILE A 385 3.54 12.28 26.33
CA ILE A 385 2.82 12.44 25.06
C ILE A 385 1.73 11.40 24.95
N ALA A 386 1.96 10.25 25.54
CA ALA A 386 0.98 9.19 25.56
C ALA A 386 -0.19 9.65 26.40
N LYS A 387 0.12 10.30 27.52
CA LYS A 387 -0.90 10.78 28.42
C LYS A 387 -1.78 11.82 27.77
N ARG A 388 -1.15 12.74 27.07
CA ARG A 388 -1.89 13.79 26.40
C ARG A 388 -2.78 13.22 25.33
N VAL A 389 -2.28 12.22 24.62
CA VAL A 389 -3.03 11.64 23.54
C VAL A 389 -4.21 10.88 24.07
N LYS A 390 -4.01 10.03 25.10
CA LYS A 390 -5.16 9.32 25.69
C LYS A 390 -6.27 10.30 26.07
N GLU A 391 -5.85 11.38 26.72
CA GLU A 391 -6.71 12.48 27.07
C GLU A 391 -7.47 13.06 25.87
N GLY A 392 -6.76 13.37 24.80
CA GLY A 392 -7.38 13.95 23.61
C GLY A 392 -8.53 13.12 23.04
N PHE A 393 -8.33 11.81 23.00
CA PHE A 393 -9.37 10.93 22.49
C PHE A 393 -10.60 10.93 23.36
N THR A 394 -10.38 11.11 24.64
CA THR A 394 -11.46 11.17 25.57
C THR A 394 -12.30 12.45 25.44
N GLN A 395 -11.66 13.60 25.48
CA GLN A 395 -12.35 14.86 25.34
C GLN A 395 -12.83 15.10 23.91
N GLY A 396 -12.34 14.24 23.02
CA GLY A 396 -12.70 14.32 21.62
C GLY A 396 -11.99 15.41 20.85
N ALA A 397 -10.96 15.97 21.45
CA ALA A 397 -10.18 17.03 20.84
C ALA A 397 -9.34 16.50 19.71
N ASP A 398 -8.98 17.38 18.79
CA ASP A 398 -8.15 16.98 17.68
C ASP A 398 -6.81 16.54 18.23
N ILE A 399 -6.31 15.44 17.72
CA ILE A 399 -5.02 14.90 18.11
C ILE A 399 -3.77 15.55 17.54
N GLU A 400 -3.82 15.96 16.29
CA GLU A 400 -2.61 16.51 15.65
C GLU A 400 -2.01 17.66 16.47
N PRO A 401 -2.82 18.64 16.89
CA PRO A 401 -2.20 19.76 17.60
C PRO A 401 -1.64 19.43 19.00
N ILE A 402 -2.08 18.33 19.60
CA ILE A 402 -1.50 17.91 20.87
C ILE A 402 -0.02 17.55 20.59
N ILE A 403 0.23 17.02 19.39
CA ILE A 403 1.58 16.67 19.03
C ILE A 403 2.33 17.93 18.69
N TYR A 404 1.71 18.81 17.93
CA TYR A 404 2.40 20.05 17.63
C TYR A 404 2.60 20.91 18.90
N ASP A 405 1.65 20.88 19.84
CA ASP A 405 1.80 21.61 21.11
C ASP A 405 3.02 21.08 21.89
N TYR A 406 3.12 19.76 22.01
CA TYR A 406 4.23 19.17 22.70
C TYR A 406 5.54 19.48 22.02
N ILE A 407 5.53 19.42 20.69
CA ILE A 407 6.76 19.65 19.93
C ILE A 407 7.18 21.06 20.12
N ASN A 408 6.19 21.96 20.20
CA ASN A 408 6.46 23.37 20.41
C ASN A 408 7.02 23.69 21.80
N SER A 409 6.49 23.05 22.84
CA SER A 409 7.05 23.18 24.19
C SER A 409 8.50 22.76 24.23
N ASN A 410 9.01 22.05 23.23
CA ASN A 410 10.38 21.52 23.28
C ASN A 410 11.21 21.84 22.05
N HIS A 411 10.87 22.92 21.37
CA HIS A 411 11.48 23.21 20.09
C HIS A 411 13.00 23.41 20.16
N ALA A 412 13.49 23.95 21.27
CA ALA A 412 14.92 24.17 21.37
C ALA A 412 15.69 22.87 21.37
N GLU A 413 15.19 21.93 22.13
CA GLU A 413 15.78 20.61 22.27
C GLU A 413 15.75 19.85 20.95
N LEU A 414 14.67 20.06 20.21
CA LEU A 414 14.47 19.37 18.92
C LEU A 414 15.22 20.05 17.76
N GLY A 415 16.04 21.07 18.07
CA GLY A 415 16.90 21.69 17.06
C GLY A 415 16.23 22.81 16.29
N LEU A 416 15.08 23.24 16.77
CA LEU A 416 14.33 24.32 16.12
C LEU A 416 14.63 25.69 16.65
N LYS A 417 14.94 26.61 15.75
CA LYS A 417 15.06 28.02 16.13
C LYS A 417 13.77 28.52 16.82
N SER A 418 12.61 28.18 16.25
CA SER A 418 11.33 28.67 16.77
C SER A 418 10.16 27.70 16.54
N PRO A 419 9.12 27.76 17.41
CA PRO A 419 7.96 26.91 17.23
C PRO A 419 7.40 26.95 15.81
N LEU A 420 6.56 25.98 15.51
CA LEU A 420 5.98 25.92 14.19
C LEU A 420 4.73 26.77 14.18
N THR A 421 4.56 27.56 13.12
CA THR A 421 3.30 28.26 12.91
C THR A 421 2.13 27.28 12.79
N GLY A 422 0.91 27.77 13.02
CA GLY A 422 -0.30 27.05 12.64
C GLY A 422 -0.39 26.68 11.16
N LYS A 423 0.31 27.45 10.32
CA LYS A 423 0.42 27.21 8.89
C LYS A 423 1.31 26.05 8.63
N GLN A 424 2.51 26.10 9.22
CA GLN A 424 3.44 24.98 9.16
C GLN A 424 2.69 23.79 9.67
N GLN A 425 2.10 23.92 10.85
CA GLN A 425 1.30 22.82 11.39
C GLN A 425 0.35 22.18 10.36
N GLN A 426 -0.39 23.01 9.63
CA GLN A 426 -1.33 22.51 8.64
C GLN A 426 -0.65 21.76 7.53
N GLU A 427 0.50 22.26 7.07
CA GLU A 427 1.20 21.59 5.99
C GLU A 427 1.53 20.18 6.44
N ILE A 428 1.95 20.02 7.69
CA ILE A 428 2.24 18.71 8.20
C ILE A 428 0.95 17.88 8.25
N THR A 429 -0.12 18.48 8.74
CA THR A 429 -1.39 17.75 8.75
C THR A 429 -1.93 17.32 7.35
N ASP A 430 -1.68 18.13 6.34
CA ASP A 430 -2.13 17.82 5.00
C ASP A 430 -1.30 16.66 4.48
N LYS A 431 0.00 16.72 4.72
CA LYS A 431 0.89 15.67 4.24
C LYS A 431 0.69 14.36 4.94
N PHE A 432 0.63 14.43 6.25
CA PHE A 432 0.29 13.28 7.07
C PHE A 432 -0.96 12.58 6.65
N THR A 433 -2.02 13.34 6.49
CA THR A 433 -3.32 12.78 6.12
C THR A 433 -3.30 12.09 4.72
N LYS A 434 -2.61 12.69 3.78
CA LYS A 434 -2.57 12.19 2.41
C LYS A 434 -1.76 10.94 2.39
N HIS A 435 -0.55 11.07 2.90
CA HIS A 435 0.37 9.97 2.90
C HIS A 435 -0.19 8.88 3.82
N TYR A 436 -0.64 9.22 5.02
CA TYR A 436 -0.89 8.13 5.93
C TYR A 436 -2.01 7.35 5.42
N ASN A 437 -3.04 8.03 4.91
CA ASN A 437 -4.18 7.32 4.32
C ASN A 437 -3.76 6.40 3.20
N THR A 438 -2.75 6.76 2.44
CA THR A 438 -2.28 5.93 1.35
C THR A 438 -1.70 4.59 1.81
N ILE A 439 -0.94 4.63 2.90
CA ILE A 439 -0.30 3.43 3.44
C ILE A 439 -1.01 2.83 4.62
N LYS A 440 -2.25 3.24 4.84
CA LYS A 440 -3.03 2.78 5.98
C LYS A 440 -3.24 1.28 6.03
N GLU A 441 -3.43 0.66 4.88
CA GLU A 441 -3.65 -0.78 4.81
C GLU A 441 -2.36 -1.56 4.55
N SER A 442 -1.21 -1.01 4.86
CA SER A 442 0.01 -1.73 4.55
C SER A 442 0.05 -3.05 5.32
N PRO A 443 0.66 -4.05 4.72
CA PRO A 443 0.91 -5.22 5.52
C PRO A 443 1.81 -4.96 6.73
N HIS A 444 2.76 -4.02 6.65
CA HIS A 444 3.70 -3.80 7.75
C HIS A 444 3.99 -2.35 7.95
N PHE A 445 4.09 -1.94 9.20
CA PHE A 445 4.41 -0.55 9.50
C PHE A 445 5.82 -0.31 10.05
N ASP A 446 6.77 -1.18 9.72
CA ASP A 446 8.15 -0.97 10.17
C ASP A 446 8.77 0.28 9.60
N GLU A 447 8.53 0.58 8.33
CA GLU A 447 9.22 1.71 7.70
C GLU A 447 8.52 2.29 6.45
N PHE A 448 8.74 3.57 6.19
CA PHE A 448 8.27 4.15 4.97
C PHE A 448 9.31 5.08 4.39
N PHE A 449 9.19 5.38 3.10
CA PHE A 449 10.16 6.19 2.42
C PHE A 449 9.37 7.31 1.75
N VAL A 450 9.48 8.51 2.31
CA VAL A 450 8.74 9.67 1.87
C VAL A 450 9.65 10.64 1.17
N ALA A 451 9.16 11.28 0.11
CA ALA A 451 9.98 12.10 -0.77
C ALA A 451 9.19 13.34 -1.16
N ASP A 452 9.92 14.43 -1.39
CA ASP A 452 9.30 15.70 -1.68
C ASP A 452 9.90 16.30 -2.96
N PRO A 453 9.27 16.00 -4.11
CA PRO A 453 9.81 16.43 -5.39
C PRO A 453 9.54 17.90 -5.70
N ASP A 454 8.90 18.61 -4.79
CA ASP A 454 8.80 20.05 -4.92
C ASP A 454 10.01 20.75 -4.33
N LYS A 455 10.82 20.03 -3.59
CA LYS A 455 11.98 20.62 -2.96
C LYS A 455 13.14 20.40 -3.88
N LYS A 456 14.24 21.06 -3.64
CA LYS A 456 15.44 20.77 -4.42
C LYS A 456 16.15 19.64 -3.72
N GLY A 457 16.79 18.77 -4.48
CA GLY A 457 17.59 17.67 -3.92
C GLY A 457 17.93 16.63 -4.96
N ASN A 458 18.42 15.47 -4.53
CA ASN A 458 18.85 14.38 -5.45
C ASN A 458 17.79 13.29 -5.72
N ILE A 459 16.53 13.54 -5.37
CA ILE A 459 15.51 12.55 -5.63
C ILE A 459 14.33 13.17 -6.34
N PHE A 460 13.88 12.45 -7.38
CA PHE A 460 12.87 12.90 -8.31
C PHE A 460 11.57 12.08 -8.30
N SER A 461 10.67 12.44 -9.18
CA SER A 461 9.41 11.77 -9.35
C SER A 461 9.14 11.75 -10.85
N HIS A 462 9.01 10.57 -11.43
CA HIS A 462 8.84 10.45 -12.85
C HIS A 462 8.01 9.22 -13.15
N GLN A 463 6.83 9.41 -13.71
CA GLN A 463 5.97 8.31 -14.17
C GLN A 463 5.56 7.43 -13.00
N GLY A 464 5.29 8.07 -11.88
CA GLY A 464 4.96 7.35 -10.65
C GLY A 464 6.10 6.48 -10.15
N ARG A 465 7.31 7.00 -10.22
CA ARG A 465 8.49 6.33 -9.67
C ARG A 465 9.25 7.34 -8.84
N ILE A 466 9.59 6.98 -7.62
CA ILE A 466 10.44 7.80 -6.79
C ILE A 466 11.83 7.39 -7.27
N SER A 467 12.55 8.35 -7.83
CA SER A 467 13.74 8.01 -8.59
C SER A 467 14.89 8.94 -8.33
N CYS A 468 16.08 8.41 -8.56
CA CYS A 468 17.28 9.20 -8.57
C CYS A 468 17.81 9.17 -10.01
N HIS A 469 18.88 9.94 -10.23
CA HIS A 469 19.49 10.03 -11.55
C HIS A 469 20.43 8.86 -11.83
N PHE A 470 20.24 8.20 -12.96
CA PHE A 470 21.11 7.11 -13.29
C PHE A 470 22.63 7.45 -13.22
N LEU A 471 23.01 8.67 -13.53
CA LEU A 471 24.43 9.02 -13.54
C LEU A 471 24.89 9.21 -12.10
N ASP A 472 24.03 9.70 -11.22
CA ASP A 472 24.40 9.78 -9.81
C ASP A 472 24.85 8.38 -9.39
N PHE A 473 23.95 7.43 -9.54
CA PHE A 473 24.22 6.08 -9.18
C PHE A 473 25.39 5.50 -9.93
N PHE A 474 25.45 5.76 -11.23
CA PHE A 474 26.52 5.18 -12.01
C PHE A 474 27.86 5.58 -11.42
N THR A 475 28.06 6.91 -11.32
CA THR A 475 29.28 7.47 -10.75
C THR A 475 29.60 6.88 -9.36
N ARG A 476 28.61 6.79 -8.49
CA ARG A 476 28.87 6.24 -7.17
C ARG A 476 29.33 4.78 -7.19
N GLN A 477 28.68 3.97 -8.02
CA GLN A 477 28.97 2.55 -8.15
C GLN A 477 30.36 2.20 -8.67
N THR A 478 30.84 2.99 -9.61
CA THR A 478 32.14 2.76 -10.24
C THR A 478 33.22 3.51 -9.49
N LYS A 479 32.86 4.01 -8.32
CA LYS A 479 33.74 4.81 -7.48
C LYS A 479 34.41 5.96 -8.27
N GLY A 480 33.77 6.45 -9.33
CA GLY A 480 34.34 7.51 -10.16
C GLY A 480 35.40 7.08 -11.17
N LYS A 481 35.80 5.82 -11.14
CA LYS A 481 36.88 5.33 -11.99
C LYS A 481 36.61 5.44 -13.48
N HIS A 482 35.33 5.46 -13.86
CA HIS A 482 34.93 5.64 -15.25
C HIS A 482 34.31 7.04 -15.45
N PRO A 483 34.94 7.90 -16.28
CA PRO A 483 34.37 9.22 -16.52
C PRO A 483 33.32 9.22 -17.62
N LEU A 484 32.54 10.29 -17.70
CA LEU A 484 31.28 10.29 -18.44
C LEU A 484 31.39 10.71 -19.91
N GLY A 485 32.38 11.55 -20.19
CA GLY A 485 32.40 12.25 -21.44
C GLY A 485 31.34 13.34 -21.35
N ASP A 486 30.52 13.44 -22.39
CA ASP A 486 29.62 14.59 -22.53
C ASP A 486 28.40 14.58 -21.60
N LEU A 487 28.33 13.59 -20.71
CA LEU A 487 27.29 13.55 -19.69
C LEU A 487 27.81 14.07 -18.36
N ALA A 488 28.95 14.76 -18.41
CA ALA A 488 29.64 15.23 -17.21
C ALA A 488 28.74 16.04 -16.30
N SER A 489 27.98 16.99 -16.85
CA SER A 489 27.08 17.80 -16.00
C SER A 489 25.58 17.71 -16.36
N HIS A 490 25.18 16.64 -17.03
CA HIS A 490 23.76 16.28 -17.11
C HIS A 490 23.15 16.21 -15.71
N GLN A 491 23.86 15.49 -14.85
CA GLN A 491 23.45 15.31 -13.47
C GLN A 491 23.18 16.66 -12.81
N GLU A 492 24.16 17.56 -12.87
CA GLU A 492 24.03 18.88 -12.28
C GLU A 492 22.87 19.65 -12.92
N ALA A 493 22.78 19.56 -14.25
CA ALA A 493 21.75 20.29 -14.98
C ALA A 493 20.37 19.98 -14.42
N LEU A 494 20.06 18.70 -14.31
CA LEU A 494 18.74 18.30 -13.86
C LEU A 494 18.36 18.95 -12.52
N GLN A 495 19.27 18.99 -11.54
CA GLN A 495 18.96 19.61 -10.24
C GLN A 495 18.80 21.13 -10.33
N GLU A 496 19.37 21.74 -11.37
CA GLU A 496 19.08 23.14 -11.66
C GLU A 496 17.67 23.36 -12.23
N GLY A 497 17.10 22.34 -12.87
CA GLY A 497 15.72 22.42 -13.36
C GLY A 497 14.78 22.99 -12.30
N THR A 498 13.69 23.63 -12.74
CA THR A 498 12.83 24.38 -11.83
C THR A 498 12.04 23.49 -10.89
N SER A 499 11.97 22.20 -11.20
CA SER A 499 11.30 21.24 -10.32
C SER A 499 11.97 19.88 -10.37
N ASN A 500 11.93 19.19 -9.23
CA ASN A 500 12.27 17.76 -9.15
C ASN A 500 11.06 16.86 -9.47
N ARG A 501 9.95 17.44 -9.87
CA ARG A 501 8.73 16.70 -10.17
C ARG A 501 8.55 16.69 -11.67
N LEU A 502 8.76 15.55 -12.32
CA LEU A 502 8.99 15.53 -13.76
C LEU A 502 7.82 14.98 -14.58
N HIS A 503 7.52 15.73 -15.65
CA HIS A 503 6.51 15.38 -16.63
C HIS A 503 6.88 14.06 -17.25
N HIS A 504 5.85 13.28 -17.56
CA HIS A 504 6.00 11.89 -17.93
C HIS A 504 6.22 11.70 -19.42
N LYS A 505 6.11 12.81 -20.16
CA LYS A 505 6.26 12.85 -21.63
C LYS A 505 7.32 13.86 -22.08
N ASN A 506 7.67 13.75 -23.35
CA ASN A 506 8.66 14.60 -23.95
C ASN A 506 8.03 15.50 -24.99
N GLU A 507 8.74 16.54 -25.41
CA GLU A 507 8.19 17.44 -26.41
C GLU A 507 8.87 17.23 -27.74
N VAL A 508 8.08 16.92 -28.75
CA VAL A 508 8.60 16.71 -30.09
C VAL A 508 7.64 17.26 -31.13
N VAL A 509 8.18 17.76 -32.23
CA VAL A 509 7.39 18.34 -33.31
C VAL A 509 8.29 18.94 -34.36
N MET B 1 -16.31 -6.19 18.03
CA MET B 1 -17.68 -6.62 18.45
C MET B 1 -18.45 -7.45 17.40
N ALA B 2 -18.81 -6.82 16.30
CA ALA B 2 -19.54 -7.53 15.26
C ALA B 2 -18.68 -8.66 14.75
N ALA B 3 -17.40 -8.39 14.60
CA ALA B 3 -16.49 -9.41 14.11
C ALA B 3 -16.45 -10.55 15.10
N SER B 4 -16.44 -10.22 16.39
CA SER B 4 -16.40 -11.23 17.42
C SER B 4 -17.65 -12.08 17.42
N ARG B 5 -18.79 -11.45 17.22
CA ARG B 5 -20.06 -12.17 17.19
C ARG B 5 -20.11 -13.15 16.02
N ARG B 6 -19.61 -12.71 14.88
CA ARG B 6 -19.58 -13.55 13.69
C ARG B 6 -18.62 -14.69 13.94
N LEU B 7 -17.50 -14.39 14.58
CA LEU B 7 -16.52 -15.42 14.87
C LEU B 7 -17.01 -16.43 15.89
N MET B 8 -17.89 -16.06 16.82
CA MET B 8 -18.43 -17.04 17.76
C MET B 8 -19.35 -18.04 17.06
N LYS B 9 -20.15 -17.54 16.14
CA LYS B 9 -21.04 -18.39 15.39
C LYS B 9 -20.24 -19.36 14.53
N GLU B 10 -19.16 -18.90 13.93
CA GLU B 10 -18.34 -19.78 13.11
C GLU B 10 -17.79 -20.88 13.98
N LEU B 11 -17.39 -20.52 15.19
CA LEU B 11 -16.82 -21.47 16.13
C LEU B 11 -17.81 -22.55 16.52
N GLU B 12 -19.06 -22.17 16.69
CA GLU B 12 -20.12 -23.12 17.06
C GLU B 12 -20.34 -24.17 15.98
N GLU B 13 -20.27 -23.77 14.72
CA GLU B 13 -20.40 -24.76 13.67
C GLU B 13 -19.27 -25.79 13.72
N ILE B 14 -18.08 -25.38 14.14
CA ILE B 14 -16.93 -26.27 14.17
C ILE B 14 -16.94 -27.16 15.43
N ARG B 15 -17.40 -26.61 16.54
CA ARG B 15 -17.53 -27.41 17.75
C ARG B 15 -18.58 -28.48 17.53
N LYS B 16 -19.61 -28.13 16.76
CA LYS B 16 -20.69 -29.03 16.39
C LYS B 16 -20.25 -30.10 15.41
N CYS B 17 -19.48 -29.69 14.40
CA CYS B 17 -18.99 -30.61 13.38
C CYS B 17 -17.47 -30.69 13.36
N GLY B 18 -16.87 -29.67 12.75
CA GLY B 18 -15.43 -29.56 12.67
C GLY B 18 -14.77 -30.10 11.40
N MET B 19 -13.57 -29.59 11.14
CA MET B 19 -12.74 -29.92 9.99
C MET B 19 -11.65 -30.89 10.45
N LYS B 20 -11.46 -31.97 9.70
CA LYS B 20 -10.47 -33.03 10.03
C LYS B 20 -9.06 -32.55 9.74
N ASN B 21 -8.98 -31.67 8.74
CA ASN B 21 -7.75 -31.04 8.34
C ASN B 21 -7.21 -30.03 9.32
N PHE B 22 -8.11 -29.33 10.01
CA PHE B 22 -7.75 -28.30 10.97
C PHE B 22 -8.12 -28.68 12.39
N ARG B 23 -7.13 -29.09 13.20
CA ARG B 23 -7.36 -29.54 14.58
C ARG B 23 -6.84 -28.61 15.67
N ASN B 24 -7.21 -28.92 16.93
CA ASN B 24 -6.71 -28.26 18.15
C ASN B 24 -6.97 -26.79 18.14
N ILE B 25 -8.13 -26.39 17.63
CA ILE B 25 -8.38 -24.99 17.48
C ILE B 25 -8.43 -24.39 18.86
N GLN B 26 -7.58 -23.40 19.10
CA GLN B 26 -7.57 -22.67 20.36
C GLN B 26 -7.70 -21.20 20.03
N VAL B 27 -8.54 -20.52 20.77
CA VAL B 27 -8.80 -19.13 20.47
C VAL B 27 -8.66 -18.21 21.65
N ASP B 28 -8.51 -16.92 21.36
CA ASP B 28 -8.40 -15.94 22.39
C ASP B 28 -9.83 -15.84 22.88
N GLU B 29 -10.03 -16.15 24.15
CA GLU B 29 -11.36 -16.12 24.75
C GLU B 29 -11.91 -14.71 24.73
N ALA B 30 -11.01 -13.77 24.96
CA ALA B 30 -11.37 -12.37 25.02
C ALA B 30 -11.90 -11.73 23.76
N ASN B 31 -11.38 -12.07 22.59
CA ASN B 31 -11.82 -11.37 21.40
C ASN B 31 -12.29 -12.23 20.23
N LEU B 32 -11.78 -13.46 20.24
CA LEU B 32 -11.87 -14.39 19.13
C LEU B 32 -11.14 -14.01 17.83
N LEU B 33 -10.45 -12.89 17.75
CA LEU B 33 -9.83 -12.52 16.46
C LEU B 33 -8.44 -13.11 16.23
N THR B 34 -7.98 -13.98 17.12
CA THR B 34 -6.73 -14.72 16.88
C THR B 34 -6.98 -16.20 17.14
N TRP B 35 -6.75 -17.03 16.15
CA TRP B 35 -6.91 -18.48 16.32
C TRP B 35 -5.60 -19.20 16.06
N GLN B 36 -5.43 -20.34 16.70
CA GLN B 36 -4.28 -21.19 16.46
C GLN B 36 -4.79 -22.55 16.30
N GLY B 37 -4.15 -23.30 15.42
CA GLY B 37 -4.57 -24.65 15.15
C GLY B 37 -3.51 -25.38 14.35
N LEU B 38 -3.77 -26.65 14.10
CA LEU B 38 -2.83 -27.50 13.40
C LEU B 38 -3.42 -28.07 12.13
N ILE B 39 -2.67 -28.00 11.05
CA ILE B 39 -3.14 -28.54 9.79
C ILE B 39 -2.30 -29.77 9.46
N VAL B 40 -2.97 -30.87 9.13
CA VAL B 40 -2.25 -32.08 8.80
C VAL B 40 -2.32 -32.36 7.32
N PRO B 41 -1.15 -32.19 6.62
CA PRO B 41 -1.24 -32.47 5.17
C PRO B 41 -1.41 -33.94 4.85
N ASP B 42 -1.98 -34.23 3.70
CA ASP B 42 -2.19 -35.60 3.28
C ASP B 42 -1.30 -36.09 2.15
N ASN B 43 -0.64 -35.18 1.43
CA ASN B 43 0.21 -35.61 0.32
C ASN B 43 1.69 -35.28 0.48
N PRO B 44 2.57 -36.18 0.00
CA PRO B 44 3.98 -35.90 0.12
C PRO B 44 4.33 -34.63 -0.62
N PRO B 45 5.32 -33.90 -0.12
CA PRO B 45 6.27 -34.27 0.93
C PRO B 45 5.89 -33.89 2.38
N TYR B 46 4.61 -33.78 2.68
CA TYR B 46 4.23 -33.32 3.99
C TYR B 46 3.40 -34.31 4.80
N ASP B 47 3.29 -35.56 4.37
CA ASP B 47 2.49 -36.53 5.17
C ASP B 47 3.18 -36.85 6.46
N LYS B 48 4.47 -36.55 6.57
CA LYS B 48 5.27 -37.00 7.72
C LYS B 48 5.24 -36.06 8.90
N GLY B 49 4.59 -34.91 8.73
CA GLY B 49 4.52 -33.88 9.78
C GLY B 49 3.20 -33.13 9.81
N ALA B 50 3.10 -32.21 10.77
CA ALA B 50 1.98 -31.29 10.84
C ALA B 50 2.48 -29.89 11.21
N PHE B 51 1.64 -28.88 11.00
CA PHE B 51 2.11 -27.50 11.08
C PHE B 51 1.13 -26.66 11.84
N ARG B 52 1.68 -25.75 12.63
CA ARG B 52 0.89 -24.80 13.38
C ARG B 52 0.65 -23.55 12.56
N ILE B 53 -0.59 -23.14 12.45
CA ILE B 53 -0.88 -21.84 11.86
C ILE B 53 -1.58 -20.87 12.83
N GLU B 54 -1.45 -19.60 12.52
CA GLU B 54 -2.11 -18.56 13.29
C GLU B 54 -3.02 -17.88 12.29
N ILE B 55 -4.28 -17.65 12.65
CA ILE B 55 -5.19 -16.84 11.85
C ILE B 55 -5.49 -15.53 12.56
N ASN B 56 -5.29 -14.41 11.87
CA ASN B 56 -5.60 -13.10 12.43
C ASN B 56 -6.69 -12.44 11.66
N PHE B 57 -7.78 -12.15 12.36
CA PHE B 57 -8.93 -11.59 11.76
C PHE B 57 -8.91 -10.08 12.01
N PRO B 58 -9.09 -9.26 10.98
CA PRO B 58 -9.15 -7.82 11.23
C PRO B 58 -10.37 -7.45 12.04
N ALA B 59 -10.35 -6.29 12.67
CA ALA B 59 -11.46 -5.83 13.48
C ALA B 59 -12.68 -5.67 12.60
N GLU B 60 -12.42 -5.36 11.33
CA GLU B 60 -13.46 -5.17 10.33
C GLU B 60 -13.99 -6.45 9.70
N TYR B 61 -13.51 -7.60 10.13
CA TYR B 61 -13.96 -8.86 9.57
C TYR B 61 -15.47 -8.88 9.76
N PRO B 62 -16.29 -9.42 8.77
CA PRO B 62 -15.65 -10.06 7.62
C PRO B 62 -15.48 -9.26 6.34
N PHE B 63 -15.64 -7.95 6.37
CA PHE B 63 -15.48 -7.15 5.16
C PHE B 63 -14.05 -7.10 4.61
N LYS B 64 -13.12 -7.32 5.51
CA LYS B 64 -11.69 -7.45 5.32
C LYS B 64 -11.35 -8.88 5.68
N PRO B 65 -10.52 -9.57 4.85
CA PRO B 65 -10.14 -10.97 5.10
C PRO B 65 -9.22 -11.12 6.27
N PRO B 66 -9.13 -12.33 6.83
CA PRO B 66 -8.13 -12.69 7.83
C PRO B 66 -6.81 -12.85 7.16
N LYS B 67 -5.74 -13.05 7.92
CA LYS B 67 -4.50 -13.51 7.30
C LYS B 67 -3.95 -14.69 8.06
N ILE B 68 -3.23 -15.55 7.34
CA ILE B 68 -2.72 -16.81 7.84
C ILE B 68 -1.21 -16.72 7.98
N THR B 69 -0.67 -17.43 8.94
CA THR B 69 0.77 -17.36 9.17
C THR B 69 1.22 -18.68 9.73
N PHE B 70 2.19 -19.29 9.08
CA PHE B 70 2.70 -20.57 9.53
C PHE B 70 3.62 -20.31 10.70
N LYS B 71 3.33 -20.92 11.83
CA LYS B 71 4.22 -20.78 12.97
C LYS B 71 5.26 -21.91 13.01
N THR B 72 4.89 -23.09 12.53
CA THR B 72 5.86 -24.13 12.18
C THR B 72 6.57 -23.81 10.85
N LYS B 73 7.86 -24.10 10.75
CA LYS B 73 8.61 -23.81 9.54
C LYS B 73 8.21 -24.83 8.50
N ILE B 74 8.29 -24.46 7.22
CA ILE B 74 7.90 -25.35 6.13
C ILE B 74 8.66 -25.02 4.86
N TYR B 75 8.92 -26.06 4.05
CA TYR B 75 9.66 -25.96 2.78
C TYR B 75 8.68 -25.88 1.61
N HIS B 76 8.32 -24.66 1.19
CA HIS B 76 7.25 -24.51 0.19
C HIS B 76 7.31 -23.21 -0.64
N PRO B 77 7.25 -23.33 -1.97
CA PRO B 77 7.28 -22.20 -2.89
C PRO B 77 6.35 -21.06 -2.52
N ASN B 78 5.10 -21.37 -2.20
CA ASN B 78 4.19 -20.31 -1.83
C ASN B 78 4.21 -19.90 -0.36
N ILE B 79 5.16 -20.39 0.40
CA ILE B 79 5.21 -20.01 1.80
C ILE B 79 6.51 -19.34 2.19
N ASP B 80 6.38 -18.20 2.86
CA ASP B 80 7.49 -17.38 3.33
C ASP B 80 8.29 -18.06 4.41
N GLU B 81 9.57 -17.71 4.49
CA GLU B 81 10.43 -18.23 5.53
C GLU B 81 9.79 -17.71 6.80
N LYS B 82 9.22 -16.52 6.69
CA LYS B 82 8.50 -15.89 7.77
C LYS B 82 7.16 -16.57 8.05
N GLY B 83 6.70 -17.47 7.17
CA GLY B 83 5.41 -18.14 7.35
C GLY B 83 4.20 -17.54 6.65
N GLN B 84 4.38 -16.42 5.97
CA GLN B 84 3.29 -15.72 5.29
C GLN B 84 2.88 -16.46 3.99
N VAL B 85 1.58 -16.53 3.73
CA VAL B 85 1.08 -17.12 2.49
C VAL B 85 0.25 -16.16 1.69
N LYS B 86 0.50 -16.08 0.39
CA LYS B 86 -0.46 -15.49 -0.52
C LYS B 86 -1.40 -16.63 -0.79
N LEU B 87 -2.68 -16.40 -0.60
CA LEU B 87 -3.70 -17.42 -0.80
C LEU B 87 -4.93 -16.74 -1.44
N PRO B 88 -5.26 -17.12 -2.68
CA PRO B 88 -6.24 -16.33 -3.48
C PRO B 88 -7.56 -15.98 -2.80
N VAL B 89 -8.07 -16.89 -2.00
CA VAL B 89 -9.35 -16.67 -1.37
C VAL B 89 -9.30 -15.45 -0.47
N ILE B 90 -8.20 -15.26 0.23
CA ILE B 90 -8.05 -14.10 1.09
C ILE B 90 -7.64 -12.84 0.34
N SER B 91 -7.20 -12.96 -0.90
CA SER B 91 -6.79 -11.78 -1.62
C SER B 91 -7.80 -10.67 -1.42
N ALA B 92 -7.35 -9.46 -1.09
CA ALA B 92 -8.27 -8.33 -1.03
C ALA B 92 -9.01 -8.25 -2.34
N GLU B 93 -8.31 -8.48 -3.44
CA GLU B 93 -8.95 -8.60 -4.74
C GLU B 93 -10.24 -9.41 -4.66
N ASN B 94 -10.16 -10.68 -4.28
CA ASN B 94 -11.27 -11.64 -4.38
C ASN B 94 -12.20 -11.71 -3.18
N TRP B 95 -11.71 -11.40 -1.99
CA TRP B 95 -12.48 -11.64 -0.80
C TRP B 95 -13.94 -11.20 -0.77
N LYS B 96 -14.74 -12.15 -0.32
CA LYS B 96 -16.17 -12.03 -0.17
C LYS B 96 -16.47 -12.25 1.29
N PRO B 97 -17.27 -11.30 1.89
CA PRO B 97 -17.52 -11.52 3.32
C PRO B 97 -18.25 -12.81 3.68
N ALA B 98 -18.95 -13.40 2.74
CA ALA B 98 -19.72 -14.64 3.00
C ALA B 98 -18.81 -15.81 3.33
N THR B 99 -17.57 -15.77 2.85
CA THR B 99 -16.60 -16.85 3.10
C THR B 99 -16.38 -17.13 4.58
N LYS B 100 -16.24 -18.41 4.94
CA LYS B 100 -15.97 -18.80 6.33
C LYS B 100 -14.55 -19.33 6.47
N THR B 101 -14.03 -19.27 7.69
CA THR B 101 -12.69 -19.74 7.98
C THR B 101 -12.54 -21.17 7.48
N ASP B 102 -13.59 -21.93 7.64
CA ASP B 102 -13.61 -23.30 7.17
C ASP B 102 -13.13 -23.42 5.72
N GLN B 103 -13.73 -22.65 4.82
CA GLN B 103 -13.27 -22.62 3.44
C GLN B 103 -11.85 -22.12 3.29
N VAL B 104 -11.44 -21.19 4.12
CA VAL B 104 -10.09 -20.68 4.00
C VAL B 104 -9.08 -21.78 4.29
N ILE B 105 -9.34 -22.55 5.33
CA ILE B 105 -8.46 -23.64 5.68
C ILE B 105 -8.46 -24.71 4.60
N GLN B 106 -9.62 -24.96 4.01
CA GLN B 106 -9.67 -25.96 2.95
C GLN B 106 -8.78 -25.44 1.84
N SER B 107 -8.87 -24.16 1.52
CA SER B 107 -7.98 -23.62 0.51
C SER B 107 -6.53 -23.75 0.85
N LEU B 108 -6.22 -23.61 2.13
CA LEU B 108 -4.84 -23.72 2.59
C LEU B 108 -4.29 -25.12 2.39
N ILE B 109 -5.11 -26.11 2.70
CA ILE B 109 -4.71 -27.50 2.57
C ILE B 109 -4.42 -27.77 1.11
N ALA B 110 -5.26 -27.21 0.25
CA ALA B 110 -5.12 -27.38 -1.18
C ALA B 110 -3.84 -26.77 -1.71
N LEU B 111 -3.50 -25.61 -1.16
CA LEU B 111 -2.29 -24.91 -1.54
C LEU B 111 -1.06 -25.69 -1.14
N VAL B 112 -1.09 -26.25 0.06
CA VAL B 112 0.02 -27.03 0.53
C VAL B 112 0.20 -28.27 -0.30
N ASN B 113 -0.92 -28.92 -0.61
CA ASN B 113 -0.90 -30.14 -1.41
C ASN B 113 -0.38 -29.91 -2.83
N ASP B 114 -0.67 -28.77 -3.42
CA ASP B 114 -0.38 -28.56 -4.82
C ASP B 114 0.24 -27.20 -4.96
N PRO B 115 1.56 -27.13 -4.80
CA PRO B 115 2.31 -25.88 -4.95
C PRO B 115 2.10 -25.23 -6.31
N GLN B 116 2.11 -23.90 -6.36
CA GLN B 116 1.79 -23.13 -7.57
C GLN B 116 2.94 -22.19 -7.96
N PRO B 117 3.91 -22.67 -8.76
CA PRO B 117 5.04 -21.81 -9.18
C PRO B 117 4.68 -20.66 -10.15
N GLU B 118 3.86 -19.72 -9.69
CA GLU B 118 3.30 -18.69 -10.56
C GLU B 118 3.56 -17.31 -10.04
N HIS B 119 3.19 -17.09 -8.78
CA HIS B 119 3.52 -15.89 -8.04
C HIS B 119 4.31 -16.24 -6.78
N PRO B 120 5.03 -17.38 -6.82
CA PRO B 120 5.65 -17.90 -5.62
C PRO B 120 6.46 -16.93 -4.78
N LEU B 121 6.56 -17.26 -3.50
CA LEU B 121 7.25 -16.42 -2.56
C LEU B 121 8.71 -16.82 -2.48
N ARG B 122 9.02 -18.08 -2.68
CA ARG B 122 10.40 -18.53 -2.71
C ARG B 122 10.72 -19.12 -4.08
N ALA B 123 11.19 -18.26 -4.99
CA ALA B 123 11.51 -18.67 -6.36
C ALA B 123 12.67 -19.65 -6.30
N ASP B 124 13.59 -19.33 -5.39
CA ASP B 124 14.69 -20.23 -5.02
C ASP B 124 14.15 -21.70 -5.00
N LEU B 125 13.07 -21.94 -4.27
CA LEU B 125 12.43 -23.27 -4.22
C LEU B 125 11.49 -23.55 -5.41
N ALA B 126 10.69 -22.55 -5.80
CA ALA B 126 9.73 -22.68 -6.91
C ALA B 126 10.32 -23.26 -8.19
N GLU B 127 11.59 -22.97 -8.43
CA GLU B 127 12.30 -23.49 -9.57
C GLU B 127 12.68 -24.94 -9.29
N GLU B 128 13.23 -25.23 -8.11
CA GLU B 128 13.57 -26.62 -7.74
C GLU B 128 12.35 -27.58 -7.73
N TYR B 129 11.15 -27.00 -7.77
CA TYR B 129 9.91 -27.77 -7.80
C TYR B 129 9.51 -28.12 -9.22
N SER B 130 9.57 -27.13 -10.11
CA SER B 130 9.31 -27.30 -11.54
C SER B 130 10.27 -28.34 -12.15
N LYS B 131 11.55 -28.17 -11.84
CA LYS B 131 12.59 -29.07 -12.31
C LYS B 131 13.25 -29.73 -11.12
N ASP B 132 13.85 -30.90 -11.34
CA ASP B 132 14.52 -31.62 -10.27
C ASP B 132 13.62 -31.86 -9.05
N ARG B 133 12.41 -32.30 -9.32
CA ARG B 133 11.42 -32.58 -8.30
C ARG B 133 11.84 -33.63 -7.32
N LYS B 134 12.57 -34.64 -7.77
CA LYS B 134 12.95 -35.73 -6.89
C LYS B 134 13.75 -35.32 -5.67
N LYS B 135 14.72 -34.43 -5.82
CA LYS B 135 15.50 -34.00 -4.66
C LYS B 135 14.61 -33.14 -3.79
N PHE B 136 13.88 -32.27 -4.46
CA PHE B 136 12.95 -31.35 -3.78
C PHE B 136 12.13 -32.15 -2.77
N CYS B 137 11.53 -33.25 -3.22
CA CYS B 137 10.65 -34.04 -2.35
C CYS B 137 11.47 -34.67 -1.21
N LYS B 138 12.68 -35.13 -1.50
CA LYS B 138 13.65 -35.43 -0.45
C LYS B 138 13.80 -34.24 0.52
N ASN B 139 14.16 -33.06 0.00
CA ASN B 139 14.47 -31.91 0.87
C ASN B 139 13.30 -31.58 1.80
N ALA B 140 12.15 -31.39 1.17
CA ALA B 140 10.92 -31.08 1.85
C ALA B 140 10.59 -32.15 2.85
N GLU B 141 10.79 -33.40 2.49
CA GLU B 141 10.45 -34.47 3.40
C GLU B 141 11.30 -34.38 4.66
N GLU B 142 12.58 -34.11 4.49
CA GLU B 142 13.49 -33.95 5.62
C GLU B 142 13.21 -32.71 6.45
N PHE B 143 12.95 -31.60 5.78
CA PHE B 143 12.68 -30.32 6.42
C PHE B 143 11.45 -30.49 7.28
N THR B 144 10.47 -31.16 6.71
CA THR B 144 9.23 -31.49 7.38
C THR B 144 9.50 -32.28 8.65
N LYS B 145 10.28 -33.36 8.53
CA LYS B 145 10.52 -34.27 9.67
C LYS B 145 11.41 -33.63 10.73
N LYS B 146 12.38 -32.82 10.32
CA LYS B 146 13.23 -32.07 11.25
C LYS B 146 12.54 -30.90 11.98
N TYR B 147 11.98 -29.96 11.22
CA TYR B 147 11.38 -28.73 11.78
C TYR B 147 9.87 -28.81 11.92
N GLY B 148 9.29 -29.87 11.36
CA GLY B 148 7.86 -30.09 11.42
C GLY B 148 7.35 -30.68 12.72
N GLU B 149 6.13 -30.33 13.07
CA GLU B 149 5.51 -30.84 14.28
C GLU B 149 5.12 -32.29 14.09
N LYS B 150 5.02 -33.04 15.17
CA LYS B 150 4.64 -34.45 15.10
C LYS B 150 3.15 -34.60 14.78
N ARG B 151 2.83 -35.65 14.03
CA ARG B 151 1.46 -35.93 13.63
C ARG B 151 0.54 -36.46 14.72
N PRO B 152 -0.81 -36.20 14.53
CA PRO B 152 -1.69 -36.72 15.58
C PRO B 152 -2.00 -38.21 15.47
N VAL B 153 -2.93 -38.69 16.29
CA VAL B 153 -3.27 -40.12 16.35
C VAL B 153 -4.27 -40.52 15.25
N GLY C 1 -21.39 9.33 -30.41
CA GLY C 1 -21.78 9.47 -28.97
C GLY C 1 -20.67 9.14 -27.98
N SER C 2 -19.80 10.12 -27.73
CA SER C 2 -18.68 9.96 -26.80
C SER C 2 -18.72 11.04 -25.71
N MET C 3 -18.45 10.61 -24.46
CA MET C 3 -18.72 11.41 -23.26
C MET C 3 -17.52 12.12 -22.69
N GLN C 4 -17.83 13.14 -21.89
CA GLN C 4 -16.87 13.82 -21.04
C GLN C 4 -17.09 13.36 -19.60
N ILE C 5 -16.03 12.84 -18.96
CA ILE C 5 -16.09 12.43 -17.56
C ILE C 5 -15.10 13.24 -16.75
N PHE C 6 -15.43 13.46 -15.49
CA PHE C 6 -14.50 14.04 -14.52
C PHE C 6 -13.90 12.95 -13.59
N VAL C 7 -12.68 13.19 -13.11
CA VAL C 7 -11.99 12.29 -12.18
C VAL C 7 -11.23 13.08 -11.12
N LYS C 8 -11.58 12.85 -9.86
CA LYS C 8 -11.02 13.63 -8.77
C LYS C 8 -10.07 12.93 -7.82
N THR C 9 -8.92 13.54 -7.62
CA THR C 9 -7.96 13.07 -6.68
C THR C 9 -8.59 13.46 -5.36
N LEU C 10 -8.22 12.82 -4.27
CA LEU C 10 -8.82 13.17 -2.99
C LEU C 10 -8.49 14.62 -2.65
N THR C 11 -7.28 15.05 -2.98
CA THR C 11 -6.87 16.41 -2.68
C THR C 11 -6.20 17.31 -3.71
N GLY C 12 -6.30 16.92 -4.98
CA GLY C 12 -5.71 17.69 -6.08
C GLY C 12 -6.65 17.89 -7.25
N LYS C 13 -6.19 18.48 -8.34
CA LYS C 13 -7.14 18.99 -9.34
C LYS C 13 -7.87 18.01 -10.22
N THR C 14 -9.19 18.17 -10.26
CA THR C 14 -10.03 17.40 -11.17
C THR C 14 -9.50 17.51 -12.58
N ILE C 15 -9.79 16.49 -13.38
CA ILE C 15 -9.32 16.44 -14.77
C ILE C 15 -10.49 15.97 -15.62
N THR C 16 -10.27 15.82 -16.94
CA THR C 16 -11.36 15.41 -17.83
C THR C 16 -10.93 14.35 -18.85
N LEU C 17 -11.87 13.46 -19.19
CA LEU C 17 -11.60 12.30 -20.06
C LEU C 17 -12.64 12.06 -21.20
N GLU C 18 -12.12 12.12 -22.42
CA GLU C 18 -12.89 11.75 -23.61
C GLU C 18 -13.04 10.22 -23.70
N VAL C 19 -14.25 9.71 -23.42
CA VAL C 19 -14.54 8.28 -23.58
C VAL C 19 -15.93 8.01 -24.13
N GLU C 20 -16.25 6.73 -24.32
CA GLU C 20 -17.60 6.25 -24.56
C GLU C 20 -17.84 5.00 -23.70
N PRO C 21 -19.12 4.64 -23.43
CA PRO C 21 -19.39 3.73 -22.31
C PRO C 21 -18.98 2.26 -22.54
N SER C 22 -18.51 1.94 -23.74
CA SER C 22 -17.93 0.64 -24.02
C SER C 22 -16.58 0.48 -23.31
N ASP C 23 -15.78 1.55 -23.28
CA ASP C 23 -14.46 1.58 -22.64
C ASP C 23 -14.38 0.81 -21.29
N THR C 24 -13.28 0.07 -21.11
CA THR C 24 -13.01 -0.64 -19.86
C THR C 24 -12.55 0.30 -18.74
N ILE C 25 -12.73 -0.11 -17.48
CA ILE C 25 -12.18 0.66 -16.37
C ILE C 25 -10.67 0.77 -16.57
N GLU C 26 -9.98 -0.38 -16.63
CA GLU C 26 -8.60 -0.45 -17.14
C GLU C 26 -8.20 0.56 -18.22
N ASN C 27 -9.13 0.86 -19.13
CA ASN C 27 -8.90 1.85 -20.19
C ASN C 27 -8.96 3.25 -19.62
N VAL C 28 -9.91 3.50 -18.72
CA VAL C 28 -9.98 4.77 -18.01
C VAL C 28 -8.65 5.03 -17.28
N LYS C 29 -8.15 4.01 -16.61
CA LYS C 29 -6.92 4.14 -15.86
C LYS C 29 -5.71 4.39 -16.74
N ALA C 30 -5.84 4.12 -18.04
CA ALA C 30 -4.77 4.37 -19.01
C ALA C 30 -4.85 5.77 -19.61
N LYS C 31 -6.05 6.30 -19.74
CA LYS C 31 -6.21 7.66 -20.23
C LYS C 31 -5.79 8.63 -19.12
N ILE C 32 -5.89 8.14 -17.88
CA ILE C 32 -5.34 8.84 -16.72
C ILE C 32 -3.82 8.74 -16.73
N GLN C 33 -3.27 7.54 -16.90
CA GLN C 33 -1.83 7.44 -17.14
C GLN C 33 -1.40 8.42 -18.22
N ASP C 34 -2.26 8.63 -19.21
CA ASP C 34 -1.88 9.54 -20.28
C ASP C 34 -1.82 10.97 -19.82
N LYS C 35 -2.86 11.41 -19.13
CA LYS C 35 -2.92 12.77 -18.63
C LYS C 35 -2.00 13.08 -17.46
N GLU C 36 -1.93 12.18 -16.49
CA GLU C 36 -1.13 12.40 -15.29
C GLU C 36 0.15 11.61 -15.13
N GLY C 37 0.31 10.53 -15.88
CA GLY C 37 1.51 9.71 -15.77
C GLY C 37 1.43 8.72 -14.63
N ILE C 38 0.25 8.56 -14.06
CA ILE C 38 0.02 7.64 -12.95
C ILE C 38 -0.22 6.26 -13.55
N PRO C 39 0.60 5.28 -13.15
CA PRO C 39 0.40 3.92 -13.68
C PRO C 39 -0.92 3.32 -13.23
N PRO C 40 -1.57 2.52 -14.08
CA PRO C 40 -2.84 1.90 -13.64
C PRO C 40 -2.76 1.06 -12.37
N ASP C 41 -1.61 0.48 -12.07
CA ASP C 41 -1.54 -0.36 -10.88
C ASP C 41 -1.48 0.49 -9.60
N GLN C 42 -1.31 1.80 -9.76
CA GLN C 42 -1.40 2.74 -8.63
C GLN C 42 -2.81 3.39 -8.51
N GLN C 43 -3.75 3.04 -9.37
CA GLN C 43 -5.00 3.75 -9.40
C GLN C 43 -6.12 2.94 -8.85
N ARG C 44 -6.83 3.45 -7.86
CA ARG C 44 -8.08 2.83 -7.46
C ARG C 44 -9.23 3.78 -7.71
N LEU C 45 -10.19 3.35 -8.52
CA LEU C 45 -11.36 4.18 -8.89
C LEU C 45 -12.64 3.83 -8.13
N ILE C 46 -13.33 4.84 -7.60
CA ILE C 46 -14.62 4.64 -6.98
C ILE C 46 -15.65 5.56 -7.65
N PHE C 47 -16.88 5.07 -7.77
CA PHE C 47 -17.95 5.85 -8.29
C PHE C 47 -19.12 5.79 -7.32
N ALA C 48 -19.49 6.96 -6.80
CA ALA C 48 -20.56 7.10 -5.81
C ALA C 48 -20.54 6.03 -4.70
N GLY C 49 -19.35 5.73 -4.18
CA GLY C 49 -19.18 4.71 -3.13
C GLY C 49 -19.10 3.25 -3.56
N LYS C 50 -19.21 2.96 -4.86
CA LYS C 50 -19.04 1.61 -5.40
C LYS C 50 -17.65 1.54 -6.01
N GLN C 51 -16.86 0.56 -5.60
CA GLN C 51 -15.58 0.34 -6.23
C GLN C 51 -15.72 -0.31 -7.58
N LEU C 52 -14.95 0.17 -8.54
CA LEU C 52 -14.99 -0.33 -9.92
C LEU C 52 -13.90 -1.37 -10.11
N GLU C 53 -14.27 -2.53 -10.66
CA GLU C 53 -13.30 -3.56 -11.02
C GLU C 53 -12.75 -3.29 -12.44
N ASP C 54 -11.44 -3.51 -12.61
CA ASP C 54 -10.70 -3.30 -13.87
C ASP C 54 -11.44 -3.74 -15.16
N GLY C 55 -11.98 -4.95 -15.17
CA GLY C 55 -12.51 -5.56 -16.39
C GLY C 55 -13.84 -5.02 -16.90
N ARG C 56 -14.75 -4.63 -16.00
CA ARG C 56 -16.11 -4.21 -16.39
C ARG C 56 -16.07 -2.87 -17.16
N THR C 57 -17.16 -2.51 -17.81
CA THR C 57 -17.25 -1.28 -18.62
C THR C 57 -17.86 -0.13 -17.81
N LEU C 58 -17.93 1.05 -18.42
CA LEU C 58 -18.64 2.21 -17.82
C LEU C 58 -20.15 2.01 -17.81
N SER C 59 -20.65 1.35 -18.84
CA SER C 59 -22.07 1.07 -18.96
C SER C 59 -22.52 0.10 -17.91
N ASP C 60 -21.62 -0.76 -17.43
CA ASP C 60 -21.94 -1.74 -16.37
C ASP C 60 -22.30 -1.03 -15.08
N TYR C 61 -21.52 -0.01 -14.77
CA TYR C 61 -21.63 0.69 -13.49
C TYR C 61 -22.58 1.85 -13.59
N ASN C 62 -23.18 2.03 -14.77
CA ASN C 62 -24.17 3.05 -15.01
C ASN C 62 -23.52 4.44 -15.04
N ILE C 63 -22.37 4.53 -15.70
CA ILE C 63 -21.65 5.79 -15.75
C ILE C 63 -21.70 6.44 -17.11
N GLN C 64 -22.22 7.66 -17.16
CA GLN C 64 -22.30 8.36 -18.43
C GLN C 64 -22.48 9.85 -18.32
N LYS C 65 -22.04 10.57 -19.35
CA LYS C 65 -22.25 12.01 -19.42
C LYS C 65 -21.90 12.92 -18.23
N GLU C 66 -20.62 13.13 -17.98
CA GLU C 66 -20.20 14.01 -16.88
C GLU C 66 -20.12 13.45 -15.47
N SER C 67 -20.00 12.13 -15.37
CA SER C 67 -19.89 11.49 -14.07
C SER C 67 -18.62 12.00 -13.39
N THR C 68 -18.67 12.10 -12.07
CA THR C 68 -17.57 12.58 -11.22
C THR C 68 -17.02 11.37 -10.44
N LEU C 69 -15.83 10.88 -10.84
CA LEU C 69 -15.20 9.70 -10.19
C LEU C 69 -14.15 10.02 -9.11
N HIS C 70 -14.17 9.24 -8.02
CA HIS C 70 -13.15 9.34 -6.97
C HIS C 70 -11.92 8.48 -7.31
N LEU C 71 -10.75 9.10 -7.45
CA LEU C 71 -9.45 8.40 -7.63
C LEU C 71 -8.68 8.38 -6.33
N VAL C 72 -8.05 7.25 -6.04
CA VAL C 72 -7.34 7.06 -4.80
C VAL C 72 -6.13 6.16 -5.09
N LEU C 73 -5.00 6.47 -4.44
CA LEU C 73 -3.75 5.72 -4.60
C LEU C 73 -3.79 4.34 -3.97
N ARG C 74 -3.08 3.42 -4.59
CA ARG C 74 -3.27 1.99 -4.33
C ARG C 74 -1.89 1.52 -3.93
N LEU C 75 -1.79 0.63 -2.95
CA LEU C 75 -0.48 0.06 -2.66
C LEU C 75 -0.31 -1.10 -3.60
N ARG C 76 0.93 -1.53 -3.78
CA ARG C 76 1.25 -2.64 -4.67
C ARG C 76 2.00 -3.79 -3.92
N GLY C 77 1.32 -4.89 -3.65
CA GLY C 77 1.86 -5.91 -2.75
C GLY C 77 1.85 -7.33 -3.29
N GLY C 78 3.00 -7.99 -3.14
CA GLY C 78 3.17 -9.40 -3.48
C GLY C 78 2.84 -10.32 -2.31
#